data_5ZLF
#
_entry.id   5ZLF
#
_cell.length_a   149.344
_cell.length_b   46.645
_cell.length_c   215.741
_cell.angle_alpha   90.000
_cell.angle_beta   101.080
_cell.angle_gamma   90.000
#
_symmetry.space_group_name_H-M   'C 1 2 1'
#
loop_
_entity.id
_entity.type
_entity.pdbx_description
1 polymer 'Octaprenyl diphosphate synthase'
2 non-polymer '[2-(3-DIBENZOFURAN-4-YL-PHENYL)-1-HYDROXY-1-PHOSPHONO-ETHYL]-PHOSPHONIC ACID'
3 non-polymer 'MAGNESIUM ION'
4 water water
#
_entity_poly.entity_id   1
_entity_poly.type   'polypeptide(L)'
_entity_poly.pdbx_seq_one_letter_code
;MNLEKINELTAQDMAGVNAAILEQLNSDVQLINQLGYYIVSGGGKRIRPMIAVLAARAVGYEGNAHVTIAALIEFIHTAT
LLHDDVVDESDMRRGKATANAAFGNAASVLVGDFIYTRAFQMMTSLGSLKVLEVMSEAVNVIAEGEVLQLMNVNDPDITE
ENYMRVIYSKTARLFEAAAQCSGILAGCTPEEEKGLQDYGRYLGTAFQLIDDLLDYNADGEQLGKNVGDDLNEGKPTLPL
LHAMHHGTPEQAQMIRTAIEQGNGRHLLEPVLEAMNACGSLEWTRQRAEEEADKAIAALQVLPDTPWREALIGLAHIAVQ
RDR
;
_entity_poly.pdbx_strand_id   A,B,C,D
#
loop_
_chem_comp.id
_chem_comp.type
_chem_comp.name
_chem_comp.formula
B29 non-polymer '[2-(3-DIBENZOFURAN-4-YL-PHENYL)-1-HYDROXY-1-PHOSPHONO-ETHYL]-PHOSPHONIC ACID' 'C20 H18 O8 P2'
MG non-polymer 'MAGNESIUM ION' 'Mg 2'
#
# COMPACT_ATOMS: atom_id res chain seq x y z
N ASN A 2 19.25 -19.29 21.09
CA ASN A 2 18.23 -18.49 20.44
C ASN A 2 16.98 -18.41 21.30
N LEU A 3 17.14 -17.91 22.51
CA LEU A 3 16.03 -17.77 23.45
C LEU A 3 16.07 -16.40 24.10
N GLU A 4 17.22 -16.06 24.67
CA GLU A 4 17.39 -14.75 25.31
C GLU A 4 17.89 -13.73 24.29
N LYS A 5 18.27 -14.21 23.11
CA LYS A 5 18.74 -13.35 22.04
C LYS A 5 17.58 -12.49 21.55
N ILE A 6 16.40 -13.09 21.48
CA ILE A 6 15.21 -12.38 21.04
C ILE A 6 15.00 -11.11 21.86
N ASN A 7 14.90 -11.28 23.17
CA ASN A 7 14.71 -10.15 24.06
C ASN A 7 15.81 -9.12 23.87
N GLU A 8 17.05 -9.59 23.86
CA GLU A 8 18.20 -8.71 23.70
C GLU A 8 18.14 -7.95 22.38
N LEU A 9 17.75 -8.63 21.31
CA LEU A 9 17.66 -8.02 19.99
C LEU A 9 16.44 -7.10 19.84
N THR A 10 15.32 -7.53 20.41
CA THR A 10 14.09 -6.76 20.32
C THR A 10 13.92 -5.78 21.46
N ALA A 11 14.92 -5.68 22.33
CA ALA A 11 14.86 -4.79 23.48
C ALA A 11 14.52 -3.36 23.09
N GLN A 12 15.39 -2.76 22.28
CA GLN A 12 15.21 -1.37 21.86
C GLN A 12 13.80 -1.06 21.36
N ASP A 13 13.21 -1.97 20.61
CA ASP A 13 11.88 -1.73 20.06
C ASP A 13 10.72 -2.08 21.00
N MET A 14 10.95 -3.00 21.93
CA MET A 14 9.91 -3.41 22.86
C MET A 14 9.67 -2.41 23.99
N ALA A 15 10.62 -1.49 24.17
CA ALA A 15 10.51 -0.47 25.19
C ALA A 15 9.65 0.68 24.69
N GLY A 16 9.52 0.77 23.37
CA GLY A 16 8.73 1.80 22.74
C GLY A 16 7.26 1.43 22.75
N VAL A 17 6.99 0.14 22.58
CA VAL A 17 5.63 -0.35 22.58
C VAL A 17 5.05 -0.19 23.99
N ASN A 18 5.88 -0.47 24.98
CA ASN A 18 5.47 -0.34 26.37
C ASN A 18 5.14 1.12 26.63
N ALA A 19 6.02 2.01 26.17
CA ALA A 19 5.80 3.44 26.34
C ALA A 19 4.53 3.86 25.63
N ALA A 20 4.34 3.35 24.41
CA ALA A 20 3.17 3.68 23.62
C ALA A 20 1.88 3.22 24.29
N ILE A 21 1.93 2.04 24.91
CA ILE A 21 0.77 1.50 25.60
C ILE A 21 0.39 2.37 26.79
N LEU A 22 1.40 2.83 27.53
CA LEU A 22 1.17 3.65 28.70
C LEU A 22 0.76 5.07 28.32
N GLU A 23 1.16 5.50 27.14
CA GLU A 23 0.82 6.82 26.63
C GLU A 23 -0.69 6.97 26.53
N GLN A 24 -1.33 5.94 26.00
CA GLN A 24 -2.76 5.93 25.80
C GLN A 24 -3.59 6.07 27.08
N LEU A 25 -3.08 5.54 28.19
CA LEU A 25 -3.78 5.67 29.46
C LEU A 25 -3.60 7.09 29.96
N ASN A 26 -4.50 7.98 29.53
CA ASN A 26 -4.43 9.38 29.90
C ASN A 26 -5.82 9.99 29.98
N SER A 27 -6.78 9.17 30.36
CA SER A 27 -8.15 9.65 30.48
C SER A 27 -8.29 10.50 31.73
N ASP A 28 -9.29 11.38 31.73
CA ASP A 28 -9.54 12.23 32.89
C ASP A 28 -10.14 11.38 33.99
N VAL A 29 -10.74 10.27 33.60
CA VAL A 29 -11.35 9.36 34.56
C VAL A 29 -10.27 8.45 35.13
N GLN A 30 -9.95 8.64 36.40
CA GLN A 30 -8.92 7.85 37.07
C GLN A 30 -9.11 6.34 37.01
N LEU A 31 -10.36 5.88 37.11
CA LEU A 31 -10.64 4.44 37.07
C LEU A 31 -10.09 3.76 35.82
N ILE A 32 -10.25 4.40 34.66
CA ILE A 32 -9.75 3.86 33.42
C ILE A 32 -8.24 3.68 33.52
N ASN A 33 -7.56 4.71 33.99
CA ASN A 33 -6.12 4.68 34.14
C ASN A 33 -5.69 3.70 35.23
N GLN A 34 -6.41 3.71 36.34
CA GLN A 34 -6.12 2.81 37.45
C GLN A 34 -6.19 1.36 37.01
N LEU A 35 -7.34 0.97 36.46
CA LEU A 35 -7.53 -0.39 35.99
C LEU A 35 -6.54 -0.73 34.89
N GLY A 36 -6.29 0.25 34.02
CA GLY A 36 -5.34 0.06 32.93
C GLY A 36 -3.94 -0.24 33.43
N TYR A 37 -3.45 0.59 34.37
CA TYR A 37 -2.13 0.36 34.95
C TYR A 37 -2.10 -0.98 35.69
N TYR A 38 -3.23 -1.41 36.25
CA TYR A 38 -3.24 -2.64 37.04
C TYR A 38 -2.91 -3.86 36.18
N ILE A 39 -3.62 -4.02 35.06
CA ILE A 39 -3.45 -5.23 34.26
C ILE A 39 -2.19 -5.13 33.39
N VAL A 40 -1.92 -3.96 32.81
CA VAL A 40 -0.83 -3.85 31.85
C VAL A 40 0.52 -4.00 32.55
N SER A 41 0.73 -3.24 33.62
CA SER A 41 1.98 -3.32 34.36
C SER A 41 2.05 -4.54 35.26
N GLY A 42 1.07 -5.44 35.18
CA GLY A 42 1.00 -6.58 36.08
C GLY A 42 1.71 -7.82 35.59
N GLY A 43 2.75 -7.64 34.78
CA GLY A 43 3.50 -8.78 34.29
C GLY A 43 2.80 -9.52 33.18
N GLY A 44 3.40 -9.50 32.00
CA GLY A 44 2.85 -10.21 30.85
C GLY A 44 3.96 -10.46 29.85
N LYS A 45 3.83 -11.56 29.10
CA LYS A 45 4.90 -11.97 28.21
C LYS A 45 4.89 -11.22 26.89
N ARG A 46 3.82 -10.50 26.59
CA ARG A 46 3.73 -9.62 25.42
C ARG A 46 4.23 -10.31 24.15
N ILE A 47 3.73 -11.52 23.89
CA ILE A 47 4.07 -12.18 22.64
C ILE A 47 3.49 -11.42 21.46
N ARG A 48 2.22 -11.01 21.55
CA ARG A 48 1.54 -10.42 20.41
C ARG A 48 2.22 -9.14 19.91
N PRO A 49 2.51 -8.13 20.75
CA PRO A 49 3.27 -6.98 20.23
C PRO A 49 4.67 -7.34 19.81
N MET A 50 5.25 -8.36 20.43
CA MET A 50 6.61 -8.76 20.10
C MET A 50 6.68 -9.38 18.71
N ILE A 51 5.64 -10.15 18.34
CA ILE A 51 5.52 -10.62 16.96
C ILE A 51 5.41 -9.46 15.99
N ALA A 52 4.65 -8.43 16.37
CA ALA A 52 4.40 -7.31 15.46
C ALA A 52 5.68 -6.57 15.10
N VAL A 53 6.42 -6.10 16.11
CA VAL A 53 7.68 -5.42 15.85
C VAL A 53 8.65 -6.35 15.10
N LEU A 54 8.69 -7.62 15.51
CA LEU A 54 9.63 -8.56 14.89
C LEU A 54 9.27 -8.83 13.43
N ALA A 55 7.98 -8.89 13.12
CA ALA A 55 7.55 -9.11 11.73
C ALA A 55 7.94 -7.95 10.82
N ALA A 56 7.76 -6.71 11.29
CA ALA A 56 8.00 -5.55 10.43
C ALA A 56 9.49 -5.39 10.14
N ARG A 57 10.34 -5.57 11.13
CA ARG A 57 11.77 -5.42 10.90
C ARG A 57 12.38 -6.63 10.24
N ALA A 58 11.66 -7.76 10.19
CA ALA A 58 12.12 -8.91 9.42
C ALA A 58 11.93 -8.71 7.92
N VAL A 59 11.14 -7.71 7.51
CA VAL A 59 10.96 -7.37 6.11
C VAL A 59 11.53 -5.99 5.79
N GLY A 60 12.36 -5.46 6.69
CA GLY A 60 13.10 -4.25 6.39
C GLY A 60 12.39 -2.94 6.70
N TYR A 61 11.58 -2.89 7.74
CA TYR A 61 10.95 -1.64 8.13
C TYR A 61 11.88 -0.89 9.06
N GLU A 62 11.87 0.45 8.95
CA GLU A 62 12.72 1.25 9.83
C GLU A 62 12.14 2.63 10.11
N GLY A 63 10.82 2.73 10.16
CA GLY A 63 10.13 3.79 10.89
C GLY A 63 9.88 3.34 12.31
N ASN A 64 8.79 3.82 12.90
CA ASN A 64 8.39 3.36 14.22
C ASN A 64 6.91 2.99 14.30
N ALA A 65 6.17 3.06 13.21
CA ALA A 65 4.75 2.74 13.25
C ALA A 65 4.50 1.30 13.65
N HIS A 66 5.51 0.42 13.49
CA HIS A 66 5.36 -0.97 13.92
C HIS A 66 5.27 -1.11 15.44
N VAL A 67 5.73 -0.13 16.21
CA VAL A 67 5.47 -0.18 17.65
C VAL A 67 4.02 0.19 17.93
N THR A 68 3.44 1.11 17.15
CA THR A 68 2.05 1.47 17.38
C THR A 68 1.15 0.29 17.07
N ILE A 69 1.39 -0.39 15.94
CA ILE A 69 0.61 -1.59 15.61
C ILE A 69 0.82 -2.64 16.70
N ALA A 70 2.03 -2.77 17.22
CA ALA A 70 2.25 -3.66 18.35
C ALA A 70 1.46 -3.21 19.59
N ALA A 71 1.43 -1.90 19.86
CA ALA A 71 0.77 -1.38 21.05
C ALA A 71 -0.75 -1.58 21.00
N LEU A 72 -1.41 -1.20 19.90
CA LEU A 72 -2.86 -1.39 19.88
C LEU A 72 -3.23 -2.88 19.96
N ILE A 73 -2.40 -3.75 19.39
CA ILE A 73 -2.67 -5.18 19.48
C ILE A 73 -2.67 -5.64 20.93
N GLU A 74 -1.69 -5.18 21.72
CA GLU A 74 -1.70 -5.52 23.14
C GLU A 74 -2.91 -4.92 23.84
N PHE A 75 -3.32 -3.70 23.44
CA PHE A 75 -4.55 -3.13 23.98
C PHE A 75 -5.74 -4.03 23.68
N ILE A 76 -5.88 -4.46 22.43
CA ILE A 76 -6.94 -5.40 22.08
C ILE A 76 -6.87 -6.63 22.97
N HIS A 77 -5.69 -7.25 23.04
CA HIS A 77 -5.52 -8.43 23.90
C HIS A 77 -5.82 -8.11 25.35
N THR A 78 -5.34 -6.96 25.84
CA THR A 78 -5.64 -6.54 27.21
C THR A 78 -7.14 -6.35 27.42
N ALA A 79 -7.81 -5.71 26.45
CA ALA A 79 -9.25 -5.52 26.57
C ALA A 79 -9.98 -6.85 26.52
N THR A 80 -9.44 -7.80 25.76
CA THR A 80 -10.03 -9.13 25.65
C THR A 80 -9.94 -9.90 26.98
N LEU A 81 -8.81 -9.79 27.66
CA LEU A 81 -8.65 -10.47 28.95
C LEU A 81 -9.57 -9.90 30.02
N LEU A 82 -9.81 -8.59 29.99
CA LEU A 82 -10.71 -8.01 30.97
C LEU A 82 -12.12 -8.55 30.81
N HIS A 83 -12.55 -8.75 29.56
CA HIS A 83 -13.86 -9.34 29.33
C HIS A 83 -13.87 -10.84 29.61
N ASP A 84 -12.75 -11.52 29.37
CA ASP A 84 -12.70 -12.96 29.65
C ASP A 84 -12.65 -13.24 31.14
N ASP A 85 -12.07 -12.34 31.93
CA ASP A 85 -12.07 -12.57 33.37
C ASP A 85 -13.44 -12.30 33.99
N VAL A 86 -14.37 -11.76 33.21
CA VAL A 86 -15.74 -11.56 33.67
C VAL A 86 -16.63 -12.73 33.29
N VAL A 87 -16.50 -13.24 32.06
CA VAL A 87 -17.33 -14.36 31.64
C VAL A 87 -16.83 -15.66 32.25
N ASP A 88 -15.51 -15.81 32.44
CA ASP A 88 -14.98 -16.99 33.09
C ASP A 88 -15.17 -16.94 34.61
N GLU A 89 -15.60 -15.80 35.15
CA GLU A 89 -15.85 -15.64 36.58
C GLU A 89 -14.63 -16.01 37.41
N SER A 90 -13.46 -15.67 36.89
CA SER A 90 -12.19 -15.96 37.55
C SER A 90 -11.84 -14.93 38.63
N ASP A 91 -11.05 -15.35 39.61
CA ASP A 91 -10.63 -14.49 40.70
C ASP A 91 -9.21 -13.98 40.54
N MET A 92 -8.36 -14.77 39.93
CA MET A 92 -6.97 -14.38 39.73
C MET A 92 -6.46 -14.80 38.36
N ARG A 93 -5.79 -13.89 37.67
CA ARG A 93 -5.24 -14.17 36.35
C ARG A 93 -3.73 -14.32 36.41
N ARG A 94 -3.28 -15.58 36.32
CA ARG A 94 -1.86 -15.91 36.34
C ARG A 94 -1.08 -15.22 37.46
N GLY A 95 -1.39 -15.57 38.70
CA GLY A 95 -0.70 -14.99 39.84
C GLY A 95 -1.59 -14.09 40.68
N LYS A 96 -1.57 -12.80 40.37
CA LYS A 96 -2.36 -11.83 41.12
C LYS A 96 -3.84 -11.87 40.76
N ALA A 97 -4.66 -11.17 41.54
CA ALA A 97 -6.09 -11.13 41.31
C ALA A 97 -6.45 -10.41 40.01
N THR A 98 -7.65 -10.70 39.50
CA THR A 98 -8.12 -10.09 38.27
C THR A 98 -8.68 -8.70 38.51
N ALA A 99 -9.02 -8.02 37.42
CA ALA A 99 -9.58 -6.67 37.53
C ALA A 99 -11.00 -6.68 38.08
N ASN A 100 -11.83 -7.65 37.67
CA ASN A 100 -13.17 -7.73 38.22
C ASN A 100 -13.14 -8.00 39.73
N ALA A 101 -12.17 -8.81 40.18
CA ALA A 101 -12.00 -9.01 41.61
C ALA A 101 -11.66 -7.69 42.30
N ALA A 102 -10.61 -7.03 41.84
CA ALA A 102 -10.14 -5.83 42.52
C ALA A 102 -11.07 -4.64 42.31
N PHE A 103 -11.68 -4.52 41.12
CA PHE A 103 -12.39 -3.31 40.74
C PHE A 103 -13.88 -3.49 40.50
N GLY A 104 -14.35 -4.70 40.25
CA GLY A 104 -15.75 -4.95 39.97
C GLY A 104 -15.97 -5.36 38.52
N ASN A 105 -17.14 -5.95 38.26
CA ASN A 105 -17.42 -6.45 36.92
C ASN A 105 -17.70 -5.33 35.94
N ALA A 106 -18.50 -4.35 36.33
CA ALA A 106 -18.86 -3.27 35.41
C ALA A 106 -17.64 -2.44 35.03
N ALA A 107 -16.78 -2.12 36.00
CA ALA A 107 -15.60 -1.31 35.69
C ALA A 107 -14.66 -2.04 34.74
N SER A 108 -14.41 -3.33 34.99
CA SER A 108 -13.51 -4.08 34.13
C SER A 108 -14.09 -4.25 32.73
N VAL A 109 -15.42 -4.39 32.62
CA VAL A 109 -16.06 -4.48 31.31
C VAL A 109 -15.98 -3.15 30.58
N LEU A 110 -16.35 -2.06 31.28
CA LEU A 110 -16.43 -0.76 30.62
C LEU A 110 -15.05 -0.20 30.32
N VAL A 111 -14.07 -0.46 31.19
CA VAL A 111 -12.70 -0.02 30.89
C VAL A 111 -12.15 -0.79 29.70
N GLY A 112 -12.52 -2.06 29.58
CA GLY A 112 -12.20 -2.81 28.36
C GLY A 112 -12.72 -2.13 27.10
N ASP A 113 -13.95 -1.59 27.18
CA ASP A 113 -14.51 -0.86 26.03
C ASP A 113 -13.64 0.34 25.68
N PHE A 114 -13.27 1.14 26.69
CA PHE A 114 -12.36 2.25 26.45
C PHE A 114 -11.08 1.76 25.80
N ILE A 115 -10.48 0.72 26.37
CA ILE A 115 -9.19 0.24 25.88
C ILE A 115 -9.31 -0.26 24.44
N TYR A 116 -10.37 -1.00 24.12
CA TYR A 116 -10.51 -1.47 22.75
C TYR A 116 -10.75 -0.31 21.78
N THR A 117 -11.80 0.48 22.04
CA THR A 117 -12.08 1.63 21.19
C THR A 117 -10.85 2.53 21.04
N ARG A 118 -9.99 2.56 22.06
CA ARG A 118 -8.77 3.35 21.97
C ARG A 118 -7.78 2.70 21.02
N ALA A 119 -7.69 1.36 21.05
CA ALA A 119 -6.90 0.66 20.04
C ALA A 119 -7.44 0.95 18.63
N PHE A 120 -8.75 1.12 18.50
CA PHE A 120 -9.32 1.41 17.19
C PHE A 120 -8.94 2.81 16.71
N GLN A 121 -8.95 3.81 17.59
CA GLN A 121 -8.46 5.13 17.17
C GLN A 121 -6.97 5.08 16.85
N MET A 122 -6.21 4.32 17.64
CA MET A 122 -4.79 4.16 17.32
C MET A 122 -4.61 3.52 15.95
N MET A 123 -5.49 2.58 15.62
CA MET A 123 -5.47 1.97 14.30
C MET A 123 -5.82 2.96 13.20
N THR A 124 -6.81 3.82 13.43
CA THR A 124 -7.21 4.77 12.39
C THR A 124 -6.07 5.72 12.03
N SER A 125 -5.31 6.16 13.03
CA SER A 125 -4.26 7.15 12.79
C SER A 125 -3.19 6.64 11.84
N LEU A 126 -3.03 5.33 11.71
CA LEU A 126 -2.08 4.81 10.73
C LEU A 126 -2.57 4.98 9.30
N GLY A 127 -3.85 5.30 9.11
CA GLY A 127 -4.36 5.70 7.81
C GLY A 127 -4.43 4.62 6.75
N SER A 128 -4.25 3.35 7.12
CA SER A 128 -4.32 2.25 6.15
C SER A 128 -5.67 1.57 6.28
N LEU A 129 -6.49 1.67 5.23
CA LEU A 129 -7.78 0.99 5.23
C LEU A 129 -7.63 -0.52 5.21
N LYS A 130 -6.54 -1.05 4.64
CA LYS A 130 -6.40 -2.50 4.58
C LYS A 130 -6.14 -3.08 5.97
N VAL A 131 -5.30 -2.44 6.77
CA VAL A 131 -5.06 -2.94 8.12
C VAL A 131 -6.32 -2.82 8.97
N LEU A 132 -7.12 -1.76 8.76
CA LEU A 132 -8.38 -1.63 9.49
C LEU A 132 -9.34 -2.77 9.16
N GLU A 133 -9.44 -3.13 7.88
CA GLU A 133 -10.26 -4.26 7.46
C GLU A 133 -9.76 -5.61 7.96
N VAL A 134 -8.45 -5.85 7.90
CA VAL A 134 -7.97 -7.16 8.27
C VAL A 134 -8.18 -7.41 9.76
N MET A 135 -7.95 -6.39 10.58
CA MET A 135 -8.07 -6.55 12.03
C MET A 135 -9.51 -6.49 12.53
N SER A 136 -10.33 -5.60 11.95
CA SER A 136 -11.72 -5.51 12.37
C SER A 136 -12.46 -6.83 12.19
N GLU A 137 -12.16 -7.57 11.13
CA GLU A 137 -12.81 -8.86 10.94
C GLU A 137 -12.17 -9.92 11.82
N ALA A 138 -10.89 -9.75 12.14
CA ALA A 138 -10.22 -10.67 13.05
C ALA A 138 -10.86 -10.63 14.43
N VAL A 139 -11.10 -9.43 14.95
CA VAL A 139 -11.63 -9.32 16.31
C VAL A 139 -13.13 -9.59 16.34
N ASN A 140 -13.83 -9.35 15.23
CA ASN A 140 -15.24 -9.73 15.17
C ASN A 140 -15.40 -11.24 15.01
N VAL A 141 -14.51 -11.88 14.25
CA VAL A 141 -14.56 -13.34 14.15
C VAL A 141 -14.30 -13.99 15.50
N ILE A 142 -13.40 -13.41 16.30
CA ILE A 142 -13.11 -13.98 17.61
C ILE A 142 -14.27 -13.74 18.56
N ALA A 143 -14.80 -12.52 18.56
CA ALA A 143 -15.97 -12.19 19.39
C ALA A 143 -17.17 -13.07 19.07
N GLU A 144 -17.35 -13.46 17.80
CA GLU A 144 -18.52 -14.27 17.46
C GLU A 144 -18.35 -15.71 17.92
N GLY A 145 -17.13 -16.23 17.88
CA GLY A 145 -16.90 -17.59 18.35
C GLY A 145 -17.07 -17.73 19.86
N GLU A 146 -16.77 -16.66 20.59
CA GLU A 146 -17.00 -16.67 22.04
C GLU A 146 -18.50 -16.69 22.36
N VAL A 147 -19.31 -16.03 21.54
CA VAL A 147 -20.76 -16.14 21.71
C VAL A 147 -21.23 -17.55 21.35
N LEU A 148 -20.60 -18.16 20.34
CA LEU A 148 -20.98 -19.51 19.93
C LEU A 148 -20.68 -20.54 21.01
N GLN A 149 -19.52 -20.42 21.66
CA GLN A 149 -19.22 -21.34 22.75
C GLN A 149 -20.20 -21.13 23.90
N LEU A 150 -20.68 -19.91 24.08
CA LEU A 150 -21.67 -19.64 25.13
C LEU A 150 -22.98 -20.35 24.84
N MET A 151 -23.41 -20.39 23.56
CA MET A 151 -24.72 -20.94 23.23
C MET A 151 -24.73 -22.42 22.83
N ASN A 152 -23.64 -23.01 22.35
CA ASN A 152 -23.70 -24.40 21.90
C ASN A 152 -22.46 -25.18 22.30
N VAL A 153 -22.66 -26.19 23.12
CA VAL A 153 -21.59 -27.10 23.54
C VAL A 153 -21.47 -28.23 22.52
N ASN A 154 -20.31 -28.87 22.52
CA ASN A 154 -20.09 -30.12 21.78
C ASN A 154 -18.79 -30.78 22.23
N ILE A 158 -15.36 -35.19 18.21
CA ILE A 158 -15.13 -34.11 17.26
C ILE A 158 -13.97 -34.44 16.33
N THR A 159 -14.23 -34.37 15.02
CA THR A 159 -13.23 -34.66 14.02
C THR A 159 -11.99 -33.80 14.24
N GLU A 160 -10.82 -34.43 14.18
CA GLU A 160 -9.56 -33.74 14.39
C GLU A 160 -9.43 -32.55 13.45
N GLU A 161 -9.71 -32.77 12.18
CA GLU A 161 -9.64 -31.71 11.19
C GLU A 161 -10.53 -30.54 11.59
N ASN A 162 -11.81 -30.83 11.80
CA ASN A 162 -12.78 -29.81 12.17
C ASN A 162 -12.34 -28.99 13.38
N TYR A 163 -11.89 -29.66 14.44
CA TYR A 163 -11.46 -28.94 15.63
C TYR A 163 -10.37 -27.93 15.31
N MET A 164 -9.35 -28.38 14.59
CA MET A 164 -8.25 -27.50 14.22
C MET A 164 -8.70 -26.34 13.35
N ARG A 165 -9.64 -26.59 12.46
CA ARG A 165 -10.17 -25.54 11.58
C ARG A 165 -10.68 -24.35 12.38
N VAL A 166 -11.45 -24.62 13.44
CA VAL A 166 -11.98 -23.57 14.29
C VAL A 166 -10.87 -22.66 14.81
N ILE A 167 -9.80 -23.26 15.31
CA ILE A 167 -8.67 -22.48 15.81
C ILE A 167 -8.03 -21.69 14.68
N TYR A 168 -7.77 -22.36 13.57
CA TYR A 168 -7.15 -21.71 12.42
C TYR A 168 -7.97 -20.53 11.93
N SER A 169 -9.29 -20.71 11.85
CA SER A 169 -10.16 -19.65 11.34
C SER A 169 -10.81 -18.75 12.39
N LYS A 170 -10.59 -19.01 13.67
CA LYS A 170 -11.21 -18.18 14.69
C LYS A 170 -10.32 -17.86 15.89
N THR A 171 -10.12 -18.84 16.75
CA THR A 171 -9.33 -18.66 17.97
C THR A 171 -7.99 -17.95 17.79
N ALA A 172 -7.14 -18.47 16.92
CA ALA A 172 -5.83 -17.89 16.69
C ALA A 172 -5.78 -16.91 15.52
N ARG A 173 -6.84 -16.13 15.35
CA ARG A 173 -6.91 -15.18 14.26
C ARG A 173 -6.23 -13.86 14.63
N LEU A 174 -6.10 -13.58 15.92
CA LEU A 174 -5.46 -12.34 16.32
C LEU A 174 -3.96 -12.43 16.06
N PHE A 175 -3.39 -13.60 16.34
CA PHE A 175 -1.97 -13.80 16.11
C PHE A 175 -1.69 -13.57 14.64
N GLU A 176 -2.46 -14.24 13.81
CA GLU A 176 -2.33 -14.13 12.37
C GLU A 176 -2.41 -12.68 11.92
N ALA A 177 -3.41 -11.96 12.41
CA ALA A 177 -3.57 -10.56 12.04
C ALA A 177 -2.39 -9.74 12.52
N ALA A 178 -1.91 -10.03 13.73
CA ALA A 178 -0.79 -9.31 14.30
C ALA A 178 0.41 -9.26 13.38
N ALA A 179 0.78 -10.41 12.83
CA ALA A 179 1.91 -10.51 11.93
C ALA A 179 1.59 -10.01 10.53
N GLN A 180 0.38 -10.32 10.07
CA GLN A 180 -0.04 -9.91 8.74
C GLN A 180 -0.22 -8.40 8.61
N CYS A 181 -0.81 -7.78 9.62
CA CYS A 181 -1.02 -6.33 9.57
C CYS A 181 0.27 -5.56 9.79
N SER A 182 1.21 -6.19 10.50
CA SER A 182 2.50 -5.56 10.75
C SER A 182 3.23 -5.39 9.43
N GLY A 183 3.17 -6.41 8.59
CA GLY A 183 3.81 -6.38 7.30
C GLY A 183 3.10 -5.52 6.28
N ILE A 184 1.80 -5.32 6.48
CA ILE A 184 1.01 -4.50 5.57
C ILE A 184 1.32 -3.02 5.77
N LEU A 185 1.72 -2.67 6.99
CA LEU A 185 2.06 -1.29 7.31
C LEU A 185 3.50 -1.01 6.90
N ALA A 186 4.27 -2.07 6.73
CA ALA A 186 5.66 -1.97 6.32
C ALA A 186 5.81 -2.12 4.81
N GLY A 187 4.68 -2.18 4.12
CA GLY A 187 4.68 -2.31 2.67
C GLY A 187 5.46 -3.51 2.17
N CYS A 188 5.14 -4.67 2.70
CA CYS A 188 5.83 -5.90 2.29
C CYS A 188 5.24 -6.47 1.01
N THR A 189 5.89 -7.49 0.48
CA THR A 189 5.45 -8.14 -0.73
C THR A 189 4.39 -9.19 -0.43
N PRO A 190 3.42 -9.35 -1.33
CA PRO A 190 2.31 -10.30 -1.26
C PRO A 190 2.79 -11.66 -0.77
N GLU A 191 3.93 -12.09 -1.30
CA GLU A 191 4.51 -13.36 -0.86
C GLU A 191 4.84 -13.31 0.62
N GLU A 192 5.50 -12.24 1.05
CA GLU A 192 5.87 -12.07 2.44
C GLU A 192 4.64 -11.95 3.32
N GLU A 193 3.61 -11.26 2.82
CA GLU A 193 2.38 -11.08 3.56
C GLU A 193 1.79 -12.42 3.98
N LYS A 194 1.72 -13.35 3.03
CA LYS A 194 1.18 -14.68 3.31
C LYS A 194 2.06 -15.38 4.34
N GLY A 195 3.37 -15.26 4.19
CA GLY A 195 4.30 -15.88 5.12
C GLY A 195 4.01 -15.47 6.54
N LEU A 196 3.84 -14.17 6.77
CA LEU A 196 3.55 -13.67 8.10
C LEU A 196 2.16 -14.14 8.51
N GLN A 197 1.23 -14.11 7.55
CA GLN A 197 -0.13 -14.55 7.83
C GLN A 197 -0.12 -16.01 8.23
N ASP A 198 0.59 -16.82 7.46
CA ASP A 198 0.68 -18.24 7.75
C ASP A 198 1.44 -18.46 9.05
N TYR A 199 2.51 -17.70 9.24
CA TYR A 199 3.30 -17.82 10.46
C TYR A 199 2.44 -17.53 11.69
N GLY A 200 1.71 -16.43 11.63
CA GLY A 200 0.84 -16.05 12.74
C GLY A 200 -0.17 -17.13 13.03
N ARG A 201 -0.99 -17.45 12.05
CA ARG A 201 -2.03 -18.47 12.21
C ARG A 201 -1.48 -19.73 12.86
N TYR A 202 -0.29 -20.17 12.44
CA TYR A 202 0.25 -21.43 12.95
C TYR A 202 0.88 -21.29 14.32
N LEU A 203 1.66 -20.23 14.54
CA LEU A 203 2.28 -20.04 15.84
C LEU A 203 1.23 -19.83 16.91
N GLY A 204 0.16 -19.10 16.58
CA GLY A 204 -0.96 -18.99 17.49
C GLY A 204 -1.61 -20.33 17.76
N THR A 205 -1.70 -21.19 16.75
CA THR A 205 -2.33 -22.49 16.93
C THR A 205 -1.52 -23.40 17.84
N ALA A 206 -0.20 -23.44 17.63
CA ALA A 206 0.66 -24.19 18.55
C ALA A 206 0.59 -23.60 19.96
N PHE A 207 0.64 -22.28 20.06
CA PHE A 207 0.56 -21.63 21.36
C PHE A 207 -0.80 -21.90 22.00
N GLN A 208 -1.86 -21.99 21.18
CA GLN A 208 -3.19 -22.21 21.72
C GLN A 208 -3.33 -23.65 22.17
N LEU A 209 -2.70 -24.56 21.43
CA LEU A 209 -2.70 -25.97 21.74
C LEU A 209 -1.83 -26.21 22.96
N ILE A 210 -0.76 -25.44 23.06
CA ILE A 210 0.18 -25.55 24.18
C ILE A 210 -0.40 -24.94 25.46
N ASP A 211 -1.33 -24.00 25.28
CA ASP A 211 -1.98 -23.35 26.42
C ASP A 211 -3.12 -24.21 26.95
N ASP A 212 -3.56 -25.18 26.15
CA ASP A 212 -4.63 -26.08 26.54
C ASP A 212 -4.08 -27.34 27.20
N LEU A 213 -2.76 -27.41 27.34
CA LEU A 213 -2.12 -28.55 27.98
C LEU A 213 -1.58 -28.16 29.35
N LEU A 214 -1.33 -26.87 29.53
CA LEU A 214 -0.83 -26.37 30.80
C LEU A 214 -1.95 -26.28 31.83
N ASP A 215 -3.17 -26.49 31.35
CA ASP A 215 -4.34 -26.45 32.22
C ASP A 215 -4.50 -27.72 33.05
N TYR A 216 -3.65 -28.73 32.84
CA TYR A 216 -3.76 -29.98 33.59
C TYR A 216 -2.54 -30.15 34.49
N ASN A 217 -1.41 -30.52 33.90
CA ASN A 217 -0.12 -30.75 34.58
C ASN A 217 -0.13 -30.73 36.11
N ASN A 226 -4.32 -22.10 39.06
CA ASN A 226 -5.54 -22.07 38.25
C ASN A 226 -5.62 -23.30 37.36
N VAL A 227 -5.46 -24.47 37.96
CA VAL A 227 -5.42 -25.73 37.24
C VAL A 227 -6.81 -26.37 37.21
N GLY A 228 -7.28 -26.71 36.01
CA GLY A 228 -8.45 -27.56 35.87
C GLY A 228 -9.72 -26.89 35.39
N ASP A 229 -9.70 -25.58 35.11
CA ASP A 229 -10.93 -24.90 34.72
C ASP A 229 -11.47 -25.42 33.39
N ASP A 230 -10.60 -25.87 32.49
CA ASP A 230 -11.07 -26.51 31.27
C ASP A 230 -11.89 -27.75 31.59
N LEU A 231 -11.38 -28.59 32.50
CA LEU A 231 -12.16 -29.74 32.95
C LEU A 231 -13.34 -29.32 33.81
N ASN A 232 -13.23 -28.21 34.54
CA ASN A 232 -14.26 -27.89 35.52
C ASN A 232 -15.41 -27.12 34.90
N GLU A 233 -15.59 -27.27 33.57
CA GLU A 233 -16.79 -26.76 32.90
C GLU A 233 -17.04 -27.48 31.57
N GLY A 234 -16.41 -28.63 31.33
CA GLY A 234 -16.82 -29.42 30.17
C GLY A 234 -16.34 -28.96 28.81
N LYS A 235 -15.12 -28.42 28.72
CA LYS A 235 -14.67 -27.75 27.51
C LYS A 235 -13.78 -28.69 26.70
N PRO A 236 -14.19 -29.11 25.49
CA PRO A 236 -13.40 -30.07 24.72
C PRO A 236 -12.11 -29.47 24.17
N THR A 237 -11.07 -29.44 24.99
CA THR A 237 -9.74 -29.07 24.53
C THR A 237 -9.01 -30.32 24.07
N LEU A 238 -8.03 -30.12 23.20
CA LEU A 238 -7.43 -31.26 22.49
C LEU A 238 -6.91 -32.38 23.40
N PRO A 239 -6.23 -32.11 24.52
CA PRO A 239 -5.82 -33.22 25.39
C PRO A 239 -6.98 -34.10 25.83
N LEU A 240 -8.06 -33.47 26.32
CA LEU A 240 -9.22 -34.17 26.85
C LEU A 240 -9.74 -35.24 25.87
N LEU A 241 -9.93 -34.89 24.60
CA LEU A 241 -10.48 -35.86 23.66
C LEU A 241 -9.42 -36.90 23.28
N HIS A 242 -9.88 -37.96 22.61
CA HIS A 242 -9.02 -39.01 22.08
C HIS A 242 -9.80 -39.90 21.11
N GLN A 251 -14.28 -47.39 28.56
CA GLN A 251 -13.89 -47.04 29.92
C GLN A 251 -13.81 -45.54 30.09
N ALA A 252 -13.73 -44.82 28.97
CA ALA A 252 -13.63 -43.37 29.00
C ALA A 252 -14.99 -42.72 28.76
N GLN A 253 -16.02 -43.26 29.40
CA GLN A 253 -17.36 -42.71 29.27
C GLN A 253 -17.58 -41.60 30.29
N MET A 254 -16.61 -41.40 31.17
CA MET A 254 -16.68 -40.38 32.20
C MET A 254 -16.19 -39.05 31.67
N ILE A 255 -15.55 -39.08 30.51
CA ILE A 255 -15.04 -37.88 29.87
C ILE A 255 -16.07 -37.33 28.89
N ARG A 256 -16.73 -38.23 28.18
CA ARG A 256 -17.75 -37.85 27.21
C ARG A 256 -18.92 -37.17 27.90
N THR A 257 -19.29 -37.71 29.06
CA THR A 257 -20.40 -37.16 29.83
C THR A 257 -20.18 -35.70 30.16
N ALA A 258 -19.03 -35.39 30.74
CA ALA A 258 -18.68 -34.03 31.13
C ALA A 258 -18.83 -33.07 29.96
N ILE A 259 -18.26 -33.44 28.81
CA ILE A 259 -18.34 -32.60 27.63
C ILE A 259 -19.80 -32.31 27.29
N GLU A 260 -20.60 -33.37 27.23
CA GLU A 260 -22.01 -33.24 26.91
C GLU A 260 -22.75 -32.54 28.03
N GLN A 261 -22.46 -32.94 29.26
CA GLN A 261 -23.11 -32.35 30.43
C GLN A 261 -22.77 -30.87 30.53
N GLY A 262 -21.50 -30.56 30.27
CA GLY A 262 -21.04 -29.18 30.35
C GLY A 262 -20.46 -28.90 31.73
N ASN A 263 -20.14 -29.97 32.45
CA ASN A 263 -19.57 -29.85 33.78
C ASN A 263 -18.62 -31.00 34.06
N GLY A 264 -17.43 -30.68 34.54
CA GLY A 264 -16.43 -31.68 34.84
C GLY A 264 -15.77 -31.42 36.16
N ARG A 265 -16.49 -30.77 37.07
CA ARG A 265 -15.97 -30.45 38.38
C ARG A 265 -15.61 -31.71 39.17
N HIS A 266 -14.57 -31.61 39.99
CA HIS A 266 -14.11 -32.76 40.77
C HIS A 266 -13.77 -33.95 39.88
N LEU A 267 -12.76 -33.79 39.03
CA LEU A 267 -12.34 -34.85 38.13
C LEU A 267 -10.91 -34.62 37.65
N LEU A 268 -10.23 -33.67 38.29
CA LEU A 268 -8.86 -33.35 37.92
C LEU A 268 -7.85 -34.38 38.40
N GLU A 269 -8.24 -35.17 39.40
CA GLU A 269 -7.36 -36.18 39.95
C GLU A 269 -7.47 -37.50 39.20
N PRO A 270 -8.70 -37.97 38.96
CA PRO A 270 -8.97 -39.22 38.26
C PRO A 270 -9.16 -38.99 36.77
N VAL A 271 -8.21 -38.31 36.13
CA VAL A 271 -8.33 -38.02 34.71
C VAL A 271 -7.11 -38.47 33.91
N LEU A 272 -6.06 -38.84 34.63
CA LEU A 272 -4.81 -39.28 34.00
C LEU A 272 -5.01 -40.35 32.92
N GLU A 273 -5.51 -41.50 33.32
CA GLU A 273 -5.75 -42.61 32.41
C GLU A 273 -4.55 -42.92 31.51
N ALA A 274 -4.71 -42.65 30.21
CA ALA A 274 -3.66 -42.91 29.22
C ALA A 274 -2.30 -42.37 29.63
N MET A 275 -2.27 -41.11 30.07
CA MET A 275 -1.04 -40.47 30.49
C MET A 275 -0.31 -41.31 31.55
N GLU A 282 2.18 -34.85 26.16
CA GLU A 282 1.25 -35.84 25.66
C GLU A 282 1.32 -35.94 24.15
N TRP A 283 0.22 -36.33 23.54
CA TRP A 283 0.12 -36.47 22.10
C TRP A 283 -0.26 -35.13 21.46
N THR A 284 -0.49 -34.13 22.30
CA THR A 284 -0.85 -32.80 21.84
C THR A 284 0.39 -31.93 21.70
N ARG A 285 1.45 -32.29 22.42
CA ARG A 285 2.70 -31.54 22.35
C ARG A 285 3.35 -31.78 21.00
N GLN A 286 3.20 -33.00 20.49
CA GLN A 286 3.74 -33.38 19.20
C GLN A 286 2.87 -32.74 18.12
N ARG A 287 1.57 -32.62 18.42
CA ARG A 287 0.63 -32.02 17.50
C ARG A 287 0.86 -30.51 17.46
N ALA A 288 1.27 -29.95 18.58
CA ALA A 288 1.56 -28.52 18.68
C ALA A 288 2.90 -28.27 18.03
N GLU A 289 3.78 -29.27 18.11
CA GLU A 289 5.10 -29.16 17.51
C GLU A 289 4.96 -29.10 16.00
N GLU A 290 4.05 -29.90 15.47
CA GLU A 290 3.79 -29.93 14.03
C GLU A 290 3.46 -28.53 13.53
N GLU A 291 2.59 -27.87 14.20
CA GLU A 291 2.21 -26.52 13.82
C GLU A 291 3.37 -25.56 14.06
N ALA A 292 4.07 -25.75 15.13
CA ALA A 292 5.20 -24.88 15.42
C ALA A 292 6.19 -24.93 14.27
N ASP A 293 6.43 -26.13 13.75
CA ASP A 293 7.34 -26.31 12.64
C ASP A 293 6.66 -25.83 11.36
N LYS A 294 5.33 -25.97 11.32
CA LYS A 294 4.55 -25.54 10.17
C LYS A 294 4.71 -24.04 9.94
N ALA A 295 4.69 -23.27 11.03
CA ALA A 295 4.86 -21.83 10.95
C ALA A 295 6.26 -21.53 10.43
N ILE A 296 7.24 -22.26 10.93
CA ILE A 296 8.61 -22.08 10.51
C ILE A 296 8.75 -22.20 8.99
N ALA A 297 8.13 -23.22 8.42
CA ALA A 297 8.18 -23.44 6.98
C ALA A 297 7.68 -22.23 6.19
N ALA A 298 6.56 -21.67 6.63
CA ALA A 298 5.98 -20.55 5.91
C ALA A 298 6.80 -19.28 6.08
N LEU A 299 7.69 -19.25 7.07
CA LEU A 299 8.53 -18.09 7.33
C LEU A 299 9.84 -18.12 6.55
N GLN A 300 10.06 -19.16 5.74
CA GLN A 300 11.28 -19.28 4.95
C GLN A 300 11.17 -18.56 3.60
N VAL A 301 10.23 -17.62 3.48
CA VAL A 301 10.04 -16.86 2.25
C VAL A 301 10.58 -15.44 2.34
N LEU A 302 11.11 -15.04 3.49
CA LEU A 302 11.64 -13.71 3.69
C LEU A 302 13.13 -13.77 4.03
N PRO A 303 13.86 -12.66 3.89
CA PRO A 303 15.33 -12.69 4.01
C PRO A 303 15.82 -13.28 5.33
N ASP A 304 16.93 -14.02 5.22
CA ASP A 304 17.60 -14.58 6.39
C ASP A 304 18.22 -13.42 7.16
N THR A 305 17.57 -13.05 8.26
CA THR A 305 17.97 -11.90 9.05
C THR A 305 17.86 -12.26 10.52
N PRO A 306 18.58 -11.52 11.38
CA PRO A 306 18.48 -11.79 12.81
C PRO A 306 17.02 -11.78 13.24
N TRP A 307 16.26 -10.81 12.74
CA TRP A 307 14.84 -10.70 13.06
C TRP A 307 14.14 -12.01 12.72
N ARG A 308 14.37 -12.50 11.51
CA ARG A 308 13.76 -13.74 11.07
C ARG A 308 14.17 -14.89 11.99
N GLU A 309 15.45 -14.95 12.32
CA GLU A 309 15.96 -15.97 13.22
C GLU A 309 15.17 -15.89 14.53
N ALA A 310 15.07 -14.69 15.09
CA ALA A 310 14.32 -14.49 16.33
C ALA A 310 12.88 -14.93 16.16
N LEU A 311 12.27 -14.54 15.05
CA LEU A 311 10.90 -14.90 14.74
C LEU A 311 10.74 -16.42 14.75
N ILE A 312 11.65 -17.11 14.08
CA ILE A 312 11.63 -18.56 14.02
C ILE A 312 11.91 -19.17 15.39
N GLY A 313 12.77 -18.52 16.15
CA GLY A 313 13.12 -18.99 17.48
C GLY A 313 11.91 -19.03 18.39
N LEU A 314 11.07 -18.00 18.30
CA LEU A 314 9.87 -17.93 19.11
C LEU A 314 9.00 -19.18 18.98
N ALA A 315 8.79 -19.63 17.75
CA ALA A 315 8.00 -20.81 17.49
C ALA A 315 8.50 -21.99 18.30
N HIS A 316 9.80 -22.23 18.26
CA HIS A 316 10.40 -23.32 19.02
C HIS A 316 10.13 -23.16 20.51
N ILE A 317 10.29 -21.94 21.01
CA ILE A 317 10.06 -21.65 22.41
C ILE A 317 8.58 -21.65 22.79
N ALA A 318 7.71 -21.43 21.82
CA ALA A 318 6.27 -21.42 22.06
C ALA A 318 5.88 -22.76 22.66
N VAL A 319 6.52 -23.82 22.17
CA VAL A 319 6.27 -25.16 22.67
C VAL A 319 7.24 -25.51 23.79
N MET B 1 -43.60 20.27 11.80
CA MET B 1 -44.00 18.95 11.31
C MET B 1 -44.66 18.15 12.43
N ASN B 2 -44.68 16.84 12.26
CA ASN B 2 -45.27 15.95 13.26
C ASN B 2 -44.74 14.53 13.08
N LEU B 3 -45.03 13.68 14.06
CA LEU B 3 -44.56 12.29 14.03
C LEU B 3 -44.87 11.57 12.72
N GLU B 4 -46.14 11.46 12.38
CA GLU B 4 -46.57 10.77 11.16
C GLU B 4 -45.81 11.20 9.91
N LYS B 5 -45.65 12.50 9.72
CA LYS B 5 -44.94 13.00 8.56
C LYS B 5 -43.53 12.42 8.51
N ILE B 6 -42.87 12.45 9.67
CA ILE B 6 -41.50 11.94 9.80
C ILE B 6 -41.39 10.48 9.40
N ASN B 7 -42.18 9.63 10.04
CA ASN B 7 -42.16 8.20 9.76
C ASN B 7 -42.39 7.92 8.28
N GLU B 8 -43.42 8.57 7.72
CA GLU B 8 -43.75 8.40 6.31
C GLU B 8 -42.63 8.88 5.39
N LEU B 9 -41.96 9.94 5.78
CA LEU B 9 -40.89 10.51 4.97
C LEU B 9 -39.55 9.81 5.15
N THR B 10 -39.47 8.90 6.11
CA THR B 10 -38.22 8.19 6.38
C THR B 10 -38.37 6.68 6.17
N ALA B 11 -39.60 6.25 5.94
CA ALA B 11 -39.92 4.84 5.74
C ALA B 11 -38.99 4.09 4.79
N GLN B 12 -38.71 4.68 3.64
CA GLN B 12 -37.85 4.04 2.66
C GLN B 12 -36.42 3.90 3.14
N ASP B 13 -35.91 4.96 3.78
CA ASP B 13 -34.54 4.93 4.28
C ASP B 13 -34.43 3.97 5.45
N MET B 14 -35.44 3.98 6.31
CA MET B 14 -35.47 3.11 7.49
C MET B 14 -35.51 1.63 7.12
N ALA B 15 -36.19 1.31 6.01
CA ALA B 15 -36.29 -0.06 5.54
C ALA B 15 -34.92 -0.61 5.17
N GLY B 16 -34.09 0.24 4.56
CA GLY B 16 -32.74 -0.16 4.18
C GLY B 16 -31.90 -0.36 5.43
N VAL B 17 -32.14 0.47 6.43
CA VAL B 17 -31.42 0.38 7.70
C VAL B 17 -31.70 -0.98 8.33
N ASN B 18 -32.97 -1.37 8.33
CA ASN B 18 -33.37 -2.65 8.90
C ASN B 18 -32.75 -3.80 8.13
N ALA B 19 -32.71 -3.67 6.80
CA ALA B 19 -32.13 -4.69 5.96
C ALA B 19 -30.65 -4.82 6.29
N ALA B 20 -29.98 -3.68 6.41
CA ALA B 20 -28.58 -3.65 6.74
C ALA B 20 -28.37 -4.28 8.11
N ILE B 21 -29.23 -3.92 9.05
CA ILE B 21 -29.15 -4.46 10.40
C ILE B 21 -29.38 -5.95 10.37
N LEU B 22 -30.38 -6.38 9.61
CA LEU B 22 -30.72 -7.79 9.51
C LEU B 22 -29.71 -8.55 8.68
N GLU B 23 -29.06 -7.86 7.75
CA GLU B 23 -28.07 -8.49 6.89
C GLU B 23 -26.74 -8.67 7.60
N GLN B 24 -26.52 -7.89 8.65
CA GLN B 24 -25.29 -7.95 9.42
C GLN B 24 -25.44 -8.85 10.63
N LEU B 25 -26.68 -9.10 11.03
CA LEU B 25 -26.95 -9.94 12.19
C LEU B 25 -27.56 -11.28 11.80
N ASN B 26 -27.13 -11.80 10.67
CA ASN B 26 -27.63 -13.09 10.19
C ASN B 26 -26.58 -14.16 10.45
N SER B 27 -26.13 -14.25 11.70
CA SER B 27 -25.13 -15.23 12.08
C SER B 27 -25.79 -16.57 12.36
N ASP B 28 -24.99 -17.61 12.51
CA ASP B 28 -25.52 -18.93 12.79
C ASP B 28 -26.05 -19.01 14.22
N VAL B 29 -25.31 -18.43 15.15
CA VAL B 29 -25.73 -18.43 16.54
C VAL B 29 -27.11 -17.80 16.67
N GLN B 30 -28.04 -18.55 17.23
CA GLN B 30 -29.41 -18.08 17.39
C GLN B 30 -29.53 -16.80 18.22
N LEU B 31 -28.71 -16.69 19.26
CA LEU B 31 -28.72 -15.52 20.13
C LEU B 31 -28.59 -14.23 19.33
N ILE B 32 -27.62 -14.19 18.43
CA ILE B 32 -27.39 -13.03 17.59
C ILE B 32 -28.49 -12.92 16.54
N ASN B 33 -28.99 -14.07 16.11
CA ASN B 33 -30.04 -14.12 15.11
C ASN B 33 -31.32 -13.46 15.59
N GLN B 34 -31.76 -13.82 16.78
CA GLN B 34 -32.99 -13.29 17.34
C GLN B 34 -32.89 -11.84 17.80
N LEU B 35 -31.67 -11.32 17.90
CA LEU B 35 -31.46 -9.95 18.34
C LEU B 35 -31.76 -8.94 17.24
N GLY B 36 -31.74 -9.41 15.99
CA GLY B 36 -32.01 -8.56 14.84
C GLY B 36 -33.50 -8.36 14.59
N TYR B 37 -34.33 -9.14 15.27
CA TYR B 37 -35.77 -9.02 15.12
C TYR B 37 -36.41 -8.60 16.43
N TYR B 38 -35.79 -8.97 17.55
CA TYR B 38 -36.32 -8.63 18.87
C TYR B 38 -35.62 -7.42 19.45
N ILE B 39 -36.42 -6.49 20.00
CA ILE B 39 -35.97 -5.22 20.60
C ILE B 39 -35.23 -4.31 19.61
N VAL B 40 -35.67 -4.38 18.36
CA VAL B 40 -35.15 -3.64 17.21
C VAL B 40 -36.06 -4.00 16.02
N SER B 41 -36.03 -3.18 14.98
CA SER B 41 -36.88 -3.39 13.79
C SER B 41 -38.33 -3.58 14.21
N GLY B 42 -38.89 -2.56 14.85
CA GLY B 42 -40.26 -2.61 15.33
C GLY B 42 -40.39 -2.27 16.80
N GLY B 43 -41.34 -1.40 17.12
CA GLY B 43 -41.57 -1.01 18.50
C GLY B 43 -41.10 0.40 18.86
N GLY B 44 -39.80 0.55 19.08
CA GLY B 44 -39.23 1.82 19.45
C GLY B 44 -39.27 2.90 18.38
N LYS B 45 -39.03 4.14 18.79
CA LYS B 45 -39.03 5.28 17.89
C LYS B 45 -37.79 5.30 17.01
N ARG B 46 -36.68 4.80 17.55
CA ARG B 46 -35.40 4.75 16.84
C ARG B 46 -35.03 6.08 16.18
N ILE B 47 -34.96 7.12 16.98
CA ILE B 47 -34.62 8.45 16.48
C ILE B 47 -33.19 8.49 15.99
N ARG B 48 -32.29 7.87 16.73
CA ARG B 48 -30.88 7.88 16.35
C ARG B 48 -30.67 7.58 14.88
N PRO B 49 -31.01 6.36 14.45
CA PRO B 49 -30.85 6.03 13.03
C PRO B 49 -31.62 7.03 12.17
N MET B 50 -32.72 7.54 12.71
CA MET B 50 -33.54 8.53 12.03
C MET B 50 -32.80 9.85 11.88
N ILE B 51 -32.02 10.24 12.89
CA ILE B 51 -31.13 11.39 12.74
C ILE B 51 -30.14 11.15 11.62
N ALA B 52 -29.59 9.94 11.54
CA ALA B 52 -28.55 9.63 10.57
C ALA B 52 -29.07 9.77 9.14
N VAL B 53 -30.16 9.08 8.81
CA VAL B 53 -30.69 9.12 7.45
C VAL B 53 -31.05 10.55 7.04
N LEU B 54 -31.76 11.30 7.89
CA LEU B 54 -32.18 12.64 7.51
C LEU B 54 -31.01 13.62 7.44
N ALA B 55 -30.02 13.46 8.31
CA ALA B 55 -28.88 14.38 8.28
C ALA B 55 -28.18 14.33 6.93
N ALA B 56 -27.99 13.13 6.36
CA ALA B 56 -27.30 13.01 5.10
C ALA B 56 -28.14 13.55 3.94
N ARG B 57 -29.44 13.25 3.94
CA ARG B 57 -30.31 13.67 2.85
C ARG B 57 -30.70 15.14 2.92
N ALA B 58 -30.48 15.81 4.06
CA ALA B 58 -30.69 17.24 4.16
C ALA B 58 -29.57 18.04 3.51
N VAL B 59 -28.46 17.40 3.17
CA VAL B 59 -27.34 18.08 2.53
C VAL B 59 -27.14 17.60 1.10
N GLY B 60 -28.15 16.97 0.52
CA GLY B 60 -28.10 16.63 -0.89
C GLY B 60 -27.42 15.31 -1.18
N TYR B 61 -27.55 14.35 -0.29
CA TYR B 61 -27.00 13.02 -0.51
C TYR B 61 -28.03 12.16 -1.22
N GLU B 62 -27.54 11.26 -2.09
CA GLU B 62 -28.41 10.32 -2.78
C GLU B 62 -27.69 9.03 -3.12
N GLY B 63 -26.72 8.63 -2.30
CA GLY B 63 -26.26 7.26 -2.28
C GLY B 63 -27.06 6.43 -1.29
N ASN B 64 -26.43 5.40 -0.75
CA ASN B 64 -27.07 4.60 0.27
C ASN B 64 -26.16 4.31 1.46
N ALA B 65 -24.93 4.83 1.46
CA ALA B 65 -24.01 4.60 2.56
C ALA B 65 -24.49 5.23 3.85
N HIS B 66 -25.37 6.23 3.78
CA HIS B 66 -25.94 6.83 4.98
C HIS B 66 -26.83 5.87 5.74
N VAL B 67 -27.30 4.82 5.08
CA VAL B 67 -28.05 3.78 5.78
C VAL B 67 -27.13 2.94 6.64
N THR B 68 -25.90 2.68 6.17
CA THR B 68 -24.97 1.86 6.94
C THR B 68 -24.54 2.57 8.22
N ILE B 69 -24.24 3.87 8.16
CA ILE B 69 -23.92 4.61 9.38
C ILE B 69 -25.13 4.59 10.32
N ALA B 70 -26.34 4.69 9.78
CA ALA B 70 -27.52 4.62 10.62
C ALA B 70 -27.60 3.28 11.34
N ALA B 71 -27.29 2.19 10.63
CA ALA B 71 -27.32 0.86 11.24
C ALA B 71 -26.25 0.73 12.32
N LEU B 72 -24.99 1.04 11.97
CA LEU B 72 -23.91 0.92 12.93
C LEU B 72 -24.12 1.86 14.12
N ILE B 73 -24.71 3.03 13.91
CA ILE B 73 -25.03 3.92 15.02
C ILE B 73 -25.96 3.20 15.99
N GLU B 74 -27.00 2.56 15.47
CA GLU B 74 -27.87 1.77 16.32
C GLU B 74 -27.14 0.58 16.92
N PHE B 75 -26.22 0.00 16.16
CA PHE B 75 -25.38 -1.06 16.70
C PHE B 75 -24.56 -0.55 17.88
N ILE B 76 -23.93 0.62 17.71
CA ILE B 76 -23.18 1.21 18.82
C ILE B 76 -24.09 1.34 20.03
N HIS B 77 -25.25 1.95 19.85
CA HIS B 77 -26.22 2.15 20.92
C HIS B 77 -26.65 0.83 21.56
N THR B 78 -26.92 -0.20 20.75
CA THR B 78 -27.29 -1.49 21.31
C THR B 78 -26.18 -2.09 22.14
N ALA B 79 -24.93 -1.97 21.68
CA ALA B 79 -23.80 -2.56 22.40
C ALA B 79 -23.57 -1.88 23.75
N THR B 80 -23.80 -0.57 23.84
CA THR B 80 -23.64 0.10 25.13
C THR B 80 -24.70 -0.35 26.12
N LEU B 81 -25.91 -0.59 25.62
CA LEU B 81 -27.00 -1.04 26.46
C LEU B 81 -26.71 -2.44 26.98
N LEU B 82 -26.10 -3.25 26.13
CA LEU B 82 -25.77 -4.62 26.49
C LEU B 82 -24.64 -4.66 27.52
N HIS B 83 -23.74 -3.68 27.42
CA HIS B 83 -22.60 -3.59 28.33
C HIS B 83 -23.01 -2.87 29.62
N ASP B 84 -24.14 -2.19 29.56
CA ASP B 84 -24.68 -1.45 30.70
C ASP B 84 -25.64 -2.32 31.50
N ASP B 85 -25.83 -3.56 31.06
CA ASP B 85 -26.73 -4.49 31.74
C ASP B 85 -25.96 -5.47 32.61
N VAL B 86 -24.76 -5.09 33.01
CA VAL B 86 -23.94 -5.95 33.85
C VAL B 86 -23.85 -5.38 35.27
N PHE B 103 -21.05 -8.92 39.25
CA PHE B 103 -22.42 -8.47 39.04
C PHE B 103 -22.69 -8.11 37.57
N GLY B 104 -22.83 -9.12 36.73
CA GLY B 104 -23.18 -8.97 35.34
C GLY B 104 -23.12 -10.26 34.53
N ASN B 105 -23.97 -10.34 33.50
CA ASN B 105 -24.09 -11.54 32.68
C ASN B 105 -22.99 -11.68 31.63
N ALA B 106 -22.62 -12.93 31.34
CA ALA B 106 -21.66 -13.22 30.29
C ALA B 106 -22.22 -12.90 28.90
N ALA B 107 -23.49 -13.23 28.68
CA ALA B 107 -24.11 -13.00 27.36
C ALA B 107 -24.14 -11.53 27.01
N SER B 108 -24.41 -10.67 27.99
CA SER B 108 -24.50 -9.24 27.73
C SER B 108 -23.19 -8.66 27.23
N VAL B 109 -22.05 -9.14 27.75
CA VAL B 109 -20.76 -8.63 27.29
C VAL B 109 -20.44 -9.17 25.89
N LEU B 110 -20.62 -10.48 25.67
CA LEU B 110 -20.14 -11.07 24.42
C LEU B 110 -21.00 -10.68 23.23
N VAL B 111 -22.32 -10.58 23.42
CA VAL B 111 -23.15 -10.08 22.33
C VAL B 111 -22.86 -8.60 22.10
N GLY B 112 -22.64 -7.85 23.18
CA GLY B 112 -22.16 -6.49 23.05
C GLY B 112 -20.84 -6.39 22.30
N ASP B 113 -19.92 -7.29 22.63
CA ASP B 113 -18.62 -7.30 21.98
C ASP B 113 -18.81 -7.53 20.49
N PHE B 114 -19.64 -8.52 20.16
CA PHE B 114 -19.92 -8.83 18.76
C PHE B 114 -20.48 -7.61 18.04
N ILE B 115 -21.53 -7.02 18.58
CA ILE B 115 -22.15 -5.86 17.98
C ILE B 115 -21.17 -4.71 17.85
N TYR B 116 -20.38 -4.47 18.88
CA TYR B 116 -19.40 -3.40 18.86
C TYR B 116 -18.46 -3.60 17.69
N THR B 117 -17.86 -4.78 17.63
CA THR B 117 -16.93 -5.12 16.56
C THR B 117 -17.57 -5.01 15.19
N ARG B 118 -18.81 -5.47 15.07
CA ARG B 118 -19.52 -5.38 13.81
C ARG B 118 -19.63 -3.94 13.36
N ALA B 119 -20.02 -3.08 14.28
CA ALA B 119 -20.18 -1.65 13.99
C ALA B 119 -18.88 -1.06 13.44
N PHE B 120 -17.75 -1.43 14.03
CA PHE B 120 -16.46 -0.94 13.56
C PHE B 120 -16.24 -1.39 12.12
N GLN B 121 -16.55 -2.66 11.85
CA GLN B 121 -16.42 -3.24 10.52
C GLN B 121 -17.21 -2.45 9.48
N MET B 122 -18.43 -2.08 9.83
CA MET B 122 -19.29 -1.32 8.94
C MET B 122 -18.75 0.09 8.69
N MET B 123 -18.09 0.65 9.70
CA MET B 123 -17.52 1.99 9.59
C MET B 123 -16.34 1.97 8.61
N THR B 124 -15.61 0.87 8.61
CA THR B 124 -14.46 0.70 7.73
C THR B 124 -14.86 0.49 6.29
N SER B 125 -15.99 -0.18 6.09
CA SER B 125 -16.49 -0.47 4.75
C SER B 125 -16.77 0.79 3.96
N LEU B 126 -17.02 1.89 4.67
CA LEU B 126 -17.32 3.15 4.00
C LEU B 126 -16.09 3.82 3.40
N GLY B 127 -14.89 3.37 3.75
CA GLY B 127 -13.69 3.81 3.08
C GLY B 127 -13.28 5.25 3.31
N SER B 128 -13.90 5.94 4.25
CA SER B 128 -13.56 7.32 4.59
C SER B 128 -12.77 7.35 5.88
N LEU B 129 -11.50 7.78 5.80
CA LEU B 129 -10.69 7.89 7.01
C LEU B 129 -11.22 8.94 7.97
N LYS B 130 -11.92 9.97 7.47
CA LYS B 130 -12.40 11.02 8.37
C LYS B 130 -13.53 10.52 9.27
N VAL B 131 -14.52 9.81 8.71
CA VAL B 131 -15.56 9.26 9.56
C VAL B 131 -14.97 8.23 10.51
N LEU B 132 -13.97 7.49 10.04
CA LEU B 132 -13.27 6.57 10.94
C LEU B 132 -12.60 7.33 12.07
N GLU B 133 -12.04 8.49 11.75
CA GLU B 133 -11.36 9.30 12.75
C GLU B 133 -12.37 9.88 13.74
N VAL B 134 -13.52 10.30 13.22
CA VAL B 134 -14.55 10.88 14.06
C VAL B 134 -15.32 9.80 14.81
N MET B 135 -15.69 8.74 14.10
CA MET B 135 -16.42 7.64 14.70
C MET B 135 -15.63 6.98 15.81
N SER B 136 -14.37 6.67 15.52
CA SER B 136 -13.50 6.02 16.50
C SER B 136 -13.39 6.81 17.81
N GLU B 137 -13.25 8.13 17.70
CA GLU B 137 -13.16 8.98 18.87
C GLU B 137 -14.50 9.06 19.58
N ALA B 138 -15.57 9.01 18.78
CA ALA B 138 -16.91 9.09 19.33
C ALA B 138 -17.23 7.94 20.28
N VAL B 139 -16.91 6.72 19.88
CA VAL B 139 -17.18 5.56 20.71
C VAL B 139 -16.23 5.43 21.90
N ASN B 140 -15.06 6.05 21.80
CA ASN B 140 -14.10 6.01 22.89
C ASN B 140 -14.49 7.03 23.94
N VAL B 141 -15.22 8.07 23.51
CA VAL B 141 -15.65 9.12 24.41
C VAL B 141 -16.87 8.68 25.21
N ILE B 142 -17.73 7.89 24.59
CA ILE B 142 -18.94 7.41 25.26
C ILE B 142 -18.61 6.23 26.18
N ALA B 143 -17.49 5.57 25.91
CA ALA B 143 -17.06 4.44 26.73
C ALA B 143 -16.43 4.97 28.00
N GLU B 144 -15.88 6.17 27.93
CA GLU B 144 -15.26 6.80 29.08
C GLU B 144 -16.31 7.54 29.91
N GLY B 145 -17.49 7.74 29.32
CA GLY B 145 -18.57 8.41 30.01
C GLY B 145 -19.43 7.43 30.78
N GLU B 146 -19.24 6.14 30.51
CA GLU B 146 -20.00 5.10 31.18
C GLU B 146 -19.24 4.79 32.45
N VAL B 147 -17.92 4.77 32.34
CA VAL B 147 -17.06 4.51 33.47
C VAL B 147 -17.17 5.68 34.42
N LEU B 148 -17.18 6.89 33.86
CA LEU B 148 -17.30 8.10 34.65
C LEU B 148 -18.57 8.03 35.47
N GLN B 149 -19.67 7.73 34.81
CA GLN B 149 -20.95 7.61 35.50
C GLN B 149 -20.95 6.40 36.41
N LEU B 150 -20.06 5.46 36.16
CA LEU B 150 -19.97 4.26 36.97
C LEU B 150 -19.39 4.58 38.33
N MET B 151 -18.49 5.56 38.37
CA MET B 151 -17.88 5.96 39.62
C MET B 151 -18.66 7.12 40.25
N ASN B 152 -19.68 7.59 39.54
CA ASN B 152 -20.51 8.68 40.02
C ASN B 152 -21.76 8.14 40.70
N VAL B 153 -21.84 6.82 40.84
CA VAL B 153 -22.97 6.20 41.48
C VAL B 153 -22.80 6.34 42.98
N ASN B 154 -23.92 6.44 43.70
CA ASN B 154 -23.92 6.59 45.15
C ASN B 154 -22.99 7.70 45.60
N ASP B 155 -23.11 8.88 44.98
CA ASP B 155 -22.28 10.02 45.33
C ASP B 155 -22.92 11.32 44.87
N PRO B 156 -23.62 12.01 45.79
CA PRO B 156 -24.28 13.27 45.48
C PRO B 156 -23.35 14.47 45.67
N ASP B 157 -22.25 14.24 46.38
CA ASP B 157 -21.30 15.32 46.66
C ASP B 157 -20.48 15.76 45.44
N ILE B 158 -19.69 14.83 44.90
CA ILE B 158 -18.82 15.14 43.77
C ILE B 158 -19.53 15.47 42.44
N THR B 159 -20.78 15.03 42.30
CA THR B 159 -21.54 15.27 41.07
C THR B 159 -21.56 16.74 40.69
N GLU B 160 -21.92 17.58 41.66
CA GLU B 160 -21.99 19.03 41.46
C GLU B 160 -22.77 19.39 40.21
N GLU B 161 -22.16 20.20 39.35
CA GLU B 161 -22.79 20.62 38.11
C GLU B 161 -22.02 20.09 36.91
N ASN B 162 -21.20 19.07 37.16
CA ASN B 162 -20.40 18.45 36.12
C ASN B 162 -21.02 17.13 35.67
N TYR B 163 -22.34 17.06 35.78
CA TYR B 163 -23.08 15.86 35.39
C TYR B 163 -23.53 15.96 33.93
N MET B 164 -23.26 17.10 33.31
CA MET B 164 -23.59 17.33 31.92
C MET B 164 -22.46 16.83 31.05
N ARG B 165 -21.32 16.59 31.68
CA ARG B 165 -20.14 16.10 30.99
C ARG B 165 -20.23 14.59 30.83
N VAL B 166 -21.09 13.96 31.63
CA VAL B 166 -21.29 12.52 31.56
C VAL B 166 -22.41 12.19 30.59
N ILE B 167 -23.41 13.06 30.51
CA ILE B 167 -24.53 12.84 29.62
C ILE B 167 -24.18 13.21 28.19
N TYR B 168 -23.15 14.02 28.01
CA TYR B 168 -22.74 14.44 26.68
C TYR B 168 -21.88 13.37 26.03
N SER B 169 -20.93 12.84 26.80
CA SER B 169 -20.02 11.84 26.28
C SER B 169 -20.60 10.45 26.29
N LYS B 170 -21.83 10.31 26.77
CA LYS B 170 -22.45 9.00 26.83
C LYS B 170 -23.62 8.90 25.87
N THR B 171 -24.59 9.78 25.99
CA THR B 171 -25.75 9.80 25.12
C THR B 171 -25.65 10.79 23.97
N ALA B 172 -25.15 12.00 24.22
CA ALA B 172 -25.19 13.04 23.20
C ALA B 172 -24.01 13.00 22.22
N ARG B 173 -22.96 12.24 22.51
CA ARG B 173 -21.85 12.19 21.55
C ARG B 173 -22.15 11.25 20.39
N LEU B 174 -23.03 10.27 20.58
CA LEU B 174 -23.40 9.38 19.50
C LEU B 174 -24.33 10.07 18.51
N PHE B 175 -25.22 10.93 19.03
CA PHE B 175 -26.05 11.77 18.17
C PHE B 175 -25.19 12.65 17.28
N GLU B 176 -24.26 13.40 17.91
CA GLU B 176 -23.38 14.31 17.19
C GLU B 176 -22.60 13.60 16.11
N ALA B 177 -21.93 12.50 16.46
CA ALA B 177 -21.14 11.76 15.48
C ALA B 177 -22.01 11.23 14.36
N ALA B 178 -23.24 10.84 14.67
CA ALA B 178 -24.16 10.35 13.64
C ALA B 178 -24.43 11.41 12.59
N ALA B 179 -24.79 12.61 13.03
CA ALA B 179 -25.11 13.69 12.10
C ALA B 179 -23.86 14.20 11.39
N GLN B 180 -22.79 14.46 12.15
CA GLN B 180 -21.60 15.03 11.53
C GLN B 180 -20.99 14.06 10.53
N CYS B 181 -20.99 12.76 10.84
CA CYS B 181 -20.46 11.79 9.89
C CYS B 181 -21.39 11.59 8.71
N SER B 182 -22.71 11.72 8.92
CA SER B 182 -23.63 11.75 7.79
C SER B 182 -23.33 12.93 6.88
N GLY B 183 -22.97 14.07 7.46
CA GLY B 183 -22.66 15.23 6.65
C GLY B 183 -21.38 15.09 5.86
N ILE B 184 -20.32 14.56 6.47
CA ILE B 184 -19.06 14.41 5.74
C ILE B 184 -19.18 13.34 4.66
N LEU B 185 -19.98 12.30 4.92
CA LEU B 185 -20.12 11.23 3.94
C LEU B 185 -21.05 11.62 2.80
N ALA B 186 -21.67 12.79 2.90
CA ALA B 186 -22.43 13.39 1.81
C ALA B 186 -21.67 14.53 1.16
N GLY B 187 -20.40 14.73 1.52
CA GLY B 187 -19.60 15.82 1.00
C GLY B 187 -20.26 17.17 1.19
N CYS B 188 -20.27 17.66 2.42
CA CYS B 188 -20.96 18.90 2.79
C CYS B 188 -19.98 20.00 3.13
N THR B 189 -20.46 21.23 3.04
CA THR B 189 -19.63 22.38 3.39
C THR B 189 -19.17 22.28 4.84
N PRO B 190 -17.96 22.76 5.13
CA PRO B 190 -17.44 22.68 6.51
C PRO B 190 -18.29 23.35 7.59
N GLU B 191 -19.18 24.29 7.25
CA GLU B 191 -20.06 24.91 8.24
C GLU B 191 -21.45 24.29 8.27
N GLU B 192 -21.79 23.41 7.30
CA GLU B 192 -22.95 22.54 7.46
C GLU B 192 -22.59 21.37 8.35
N GLU B 193 -21.32 20.94 8.27
CA GLU B 193 -20.80 19.90 9.14
C GLU B 193 -20.84 20.34 10.60
N LYS B 194 -20.39 21.57 10.87
CA LYS B 194 -20.44 22.12 12.21
C LYS B 194 -21.87 22.35 12.67
N GLY B 195 -22.79 22.60 11.73
CA GLY B 195 -24.19 22.74 12.10
C GLY B 195 -24.80 21.45 12.61
N LEU B 196 -24.63 20.36 11.86
CA LEU B 196 -25.14 19.06 12.31
C LEU B 196 -24.38 18.57 13.53
N GLN B 197 -23.08 18.88 13.62
CA GLN B 197 -22.32 18.52 14.82
C GLN B 197 -22.93 19.16 16.07
N ASP B 198 -23.22 20.46 16.00
CA ASP B 198 -23.86 21.13 17.12
C ASP B 198 -25.30 20.63 17.32
N TYR B 199 -26.00 20.34 16.22
CA TYR B 199 -27.37 19.83 16.33
C TYR B 199 -27.40 18.52 17.08
N GLY B 200 -26.52 17.59 16.74
CA GLY B 200 -26.43 16.35 17.49
C GLY B 200 -25.99 16.59 18.92
N ARG B 201 -24.96 17.42 19.09
CA ARG B 201 -24.44 17.78 20.40
C ARG B 201 -25.54 18.28 21.33
N TYR B 202 -26.39 19.17 20.84
CA TYR B 202 -27.39 19.81 21.68
C TYR B 202 -28.65 18.94 21.81
N LEU B 203 -29.16 18.40 20.70
CA LEU B 203 -30.35 17.57 20.78
C LEU B 203 -30.07 16.30 21.58
N GLY B 204 -28.88 15.72 21.44
CA GLY B 204 -28.52 14.58 22.26
C GLY B 204 -28.57 14.91 23.74
N THR B 205 -28.13 16.12 24.10
CA THR B 205 -28.20 16.54 25.49
C THR B 205 -29.65 16.78 25.91
N ALA B 206 -30.44 17.40 25.03
CA ALA B 206 -31.87 17.55 25.29
C ALA B 206 -32.56 16.21 25.46
N PHE B 207 -32.12 15.21 24.70
CA PHE B 207 -32.72 13.88 24.78
C PHE B 207 -32.52 13.24 26.14
N GLN B 208 -31.30 13.27 26.66
CA GLN B 208 -31.00 12.67 27.95
C GLN B 208 -31.72 13.35 29.10
N LEU B 209 -31.75 14.67 29.09
CA LEU B 209 -32.42 15.45 30.13
C LEU B 209 -33.89 15.08 30.26
N ILE B 210 -34.55 14.93 29.12
CA ILE B 210 -35.97 14.57 29.09
C ILE B 210 -36.19 13.09 29.37
N ASP B 211 -35.13 12.30 29.18
CA ASP B 211 -35.19 10.87 29.42
C ASP B 211 -34.98 10.51 30.89
N ASP B 212 -34.57 11.49 31.67
CA ASP B 212 -34.33 11.29 33.09
C ASP B 212 -35.58 11.71 33.88
N LEU B 213 -36.74 11.55 33.27
CA LEU B 213 -37.99 11.93 33.92
C LEU B 213 -38.90 10.73 34.17
N LEU B 214 -39.82 10.89 35.13
CA LEU B 214 -40.76 9.85 35.49
C LEU B 214 -42.19 10.26 35.17
N LEU B 231 -37.70 6.77 39.04
CA LEU B 231 -38.18 5.41 38.92
C LEU B 231 -37.07 4.42 39.22
N ASN B 232 -35.83 4.86 39.04
CA ASN B 232 -34.66 4.01 39.29
C ASN B 232 -33.64 4.74 40.16
N GLU B 233 -33.59 4.34 41.43
CA GLU B 233 -32.70 4.93 42.41
C GLU B 233 -31.24 4.53 42.26
N GLY B 234 -30.40 5.15 43.07
CA GLY B 234 -28.98 4.89 43.08
C GLY B 234 -28.24 5.62 41.97
N LYS B 235 -28.96 6.50 41.27
CA LYS B 235 -28.38 7.25 40.17
C LYS B 235 -28.55 8.74 40.35
N PRO B 236 -27.45 9.45 40.58
CA PRO B 236 -27.46 10.90 40.76
C PRO B 236 -27.92 11.60 39.50
N THR B 237 -29.23 11.63 39.27
CA THR B 237 -29.78 12.29 38.10
C THR B 237 -29.79 13.79 38.30
N LEU B 238 -29.91 14.54 37.21
CA LEU B 238 -29.91 16.00 37.25
C LEU B 238 -30.89 16.58 38.26
N PRO B 239 -32.17 16.16 38.18
CA PRO B 239 -33.21 16.63 39.10
C PRO B 239 -32.79 16.53 40.56
N LEU B 240 -32.66 17.67 41.23
CA LEU B 240 -32.27 17.70 42.63
C LEU B 240 -32.87 18.91 43.34
N ARG B 265 -33.66 13.52 53.30
CA ARG B 265 -33.21 14.17 52.07
C ARG B 265 -32.08 13.39 51.43
N HIS B 266 -32.08 13.37 50.10
CA HIS B 266 -31.06 12.67 49.31
C HIS B 266 -30.88 11.22 49.72
N LEU B 267 -29.87 10.96 50.55
CA LEU B 267 -29.55 9.61 51.02
C LEU B 267 -29.44 8.65 49.84
N LEU B 268 -28.54 8.96 48.91
CA LEU B 268 -28.37 8.11 47.72
C LEU B 268 -28.17 6.65 48.10
N GLU B 269 -29.22 5.85 48.00
CA GLU B 269 -29.17 4.43 48.31
C GLU B 269 -30.14 3.62 47.45
N PRO B 270 -30.09 2.29 47.58
CA PRO B 270 -30.92 1.37 46.78
C PRO B 270 -32.28 1.03 47.39
N VAL B 271 -33.26 1.90 47.20
CA VAL B 271 -34.60 1.63 47.73
C VAL B 271 -35.66 2.50 47.05
N LEU B 272 -36.68 1.85 46.49
CA LEU B 272 -37.75 2.56 45.80
C LEU B 272 -38.68 3.27 46.77
N GLU B 273 -38.38 4.54 47.03
CA GLU B 273 -39.18 5.34 47.94
C GLU B 273 -39.07 6.83 47.62
N ALA B 274 -39.87 7.30 46.68
CA ALA B 274 -39.87 8.71 46.29
C ALA B 274 -41.29 9.19 46.05
N MET B 275 -41.55 10.45 46.36
CA MET B 275 -42.88 11.01 46.18
C MET B 275 -42.89 12.53 46.09
N ASN B 276 -41.78 13.15 46.46
CA ASN B 276 -41.70 14.61 46.42
C ASN B 276 -41.99 15.12 45.02
N ALA B 277 -43.22 15.55 44.80
CA ALA B 277 -43.62 16.07 43.49
C ALA B 277 -43.44 17.58 43.43
N CYS B 278 -42.20 18.03 43.58
CA CYS B 278 -41.89 19.46 43.56
C CYS B 278 -40.41 19.69 43.26
N GLU B 282 -41.15 21.29 35.97
CA GLU B 282 -39.86 20.82 36.47
C GLU B 282 -38.71 21.53 35.76
N TRP B 283 -37.71 21.93 36.53
CA TRP B 283 -36.55 22.62 35.98
C TRP B 283 -35.88 21.80 34.90
N THR B 284 -35.69 20.51 35.16
CA THR B 284 -35.07 19.59 34.21
C THR B 284 -35.76 19.67 32.86
N ARG B 285 -37.08 19.56 32.87
CA ARG B 285 -37.85 19.64 31.64
C ARG B 285 -37.61 20.98 30.96
N GLN B 286 -37.68 22.04 31.76
CA GLN B 286 -37.47 23.39 31.24
C GLN B 286 -36.06 23.54 30.68
N ARG B 287 -35.08 22.98 31.37
CA ARG B 287 -33.70 23.04 30.93
C ARG B 287 -33.48 22.20 29.67
N ALA B 288 -34.23 21.11 29.57
CA ALA B 288 -34.14 20.22 28.42
C ALA B 288 -34.58 20.94 27.16
N GLU B 289 -35.65 21.74 27.29
CA GLU B 289 -36.19 22.50 26.17
C GLU B 289 -35.16 23.48 25.63
N GLU B 290 -34.43 24.13 26.54
CA GLU B 290 -33.40 25.09 26.19
C GLU B 290 -32.45 24.53 25.15
N GLU B 291 -31.81 23.41 25.48
CA GLU B 291 -30.86 22.77 24.58
C GLU B 291 -31.51 22.49 23.23
N ALA B 292 -32.78 22.08 23.26
CA ALA B 292 -33.51 21.79 22.04
C ALA B 292 -33.56 23.03 21.17
N ASP B 293 -33.69 24.19 21.81
CA ASP B 293 -33.73 25.44 21.09
C ASP B 293 -32.39 25.70 20.44
N LYS B 294 -31.32 25.40 21.17
CA LYS B 294 -29.98 25.58 20.67
C LYS B 294 -29.72 24.59 19.55
N ALA B 295 -30.45 23.48 19.59
CA ALA B 295 -30.32 22.45 18.57
C ALA B 295 -30.99 22.90 17.29
N ILE B 296 -32.18 23.48 17.43
CA ILE B 296 -32.92 23.97 16.27
C ILE B 296 -32.25 25.21 15.70
N ALA B 297 -31.65 26.00 16.58
CA ALA B 297 -30.96 27.22 16.17
C ALA B 297 -29.92 26.93 15.10
N ALA B 298 -28.94 26.12 15.45
CA ALA B 298 -27.88 25.76 14.51
C ALA B 298 -28.33 24.72 13.50
N LEU B 299 -29.10 25.15 12.52
CA LEU B 299 -29.61 24.27 11.48
C LEU B 299 -30.05 25.07 10.25
N GLN B 300 -29.90 26.38 10.32
CA GLN B 300 -30.28 27.27 9.23
C GLN B 300 -29.12 27.52 8.28
N VAL B 301 -27.97 26.91 8.57
CA VAL B 301 -26.79 27.08 7.75
C VAL B 301 -26.71 25.98 6.69
N ASP B 304 -34.98 25.63 4.48
CA ASP B 304 -33.94 24.87 3.79
C ASP B 304 -34.56 23.73 2.99
N THR B 305 -35.07 22.72 3.69
CA THR B 305 -35.67 21.57 3.04
C THR B 305 -36.58 20.78 3.99
N PRO B 306 -37.35 19.84 3.44
CA PRO B 306 -38.28 18.98 4.18
C PRO B 306 -37.53 18.07 5.14
N TRP B 307 -36.33 17.64 4.77
CA TRP B 307 -35.51 16.78 5.62
C TRP B 307 -35.01 17.57 6.83
N ARG B 308 -34.77 18.86 6.63
CA ARG B 308 -34.30 19.73 7.70
C ARG B 308 -35.43 20.01 8.67
N GLU B 309 -36.66 20.03 8.15
CA GLU B 309 -37.82 20.28 8.99
C GLU B 309 -37.98 19.14 9.98
N ALA B 310 -37.79 17.91 9.49
CA ALA B 310 -37.91 16.72 10.32
C ALA B 310 -36.96 16.82 11.51
N LEU B 311 -35.71 17.17 11.22
CA LEU B 311 -34.70 17.31 12.25
C LEU B 311 -35.19 18.26 13.34
N ILE B 312 -35.69 19.42 12.91
CA ILE B 312 -36.21 20.41 13.85
C ILE B 312 -37.40 19.80 14.56
N GLY B 313 -38.31 19.23 13.80
CA GLY B 313 -39.50 18.62 14.35
C GLY B 313 -39.13 17.57 15.38
N LEU B 314 -38.13 16.76 15.06
CA LEU B 314 -37.68 15.72 15.97
C LEU B 314 -37.24 16.32 17.30
N ALA B 315 -36.49 17.41 17.22
CA ALA B 315 -36.02 18.09 18.42
C ALA B 315 -37.21 18.46 19.29
N HIS B 316 -38.21 19.09 18.68
CA HIS B 316 -39.41 19.49 19.39
C HIS B 316 -40.06 18.27 20.02
N ILE B 317 -40.20 17.22 19.23
CA ILE B 317 -40.81 15.97 19.69
C ILE B 317 -40.10 15.42 20.92
N ALA B 318 -38.78 15.59 20.97
CA ALA B 318 -38.00 15.08 22.09
C ALA B 318 -38.38 15.74 23.41
N VAL B 319 -38.74 17.02 23.37
CA VAL B 319 -39.06 17.78 24.57
C VAL B 319 -40.57 17.83 24.84
N GLN B 320 -41.36 17.00 24.16
CA GLN B 320 -42.80 16.94 24.37
C GLN B 320 -43.17 17.02 25.84
N MET C 1 18.77 30.36 6.15
CA MET C 1 19.53 29.20 5.69
C MET C 1 20.05 29.42 4.29
N ASN C 2 21.35 29.67 4.17
CA ASN C 2 21.96 29.91 2.87
C ASN C 2 22.49 28.62 2.27
N LEU C 3 22.84 28.67 0.99
CA LEU C 3 23.37 27.51 0.27
C LEU C 3 24.53 26.87 1.02
N GLU C 4 25.49 27.69 1.44
CA GLU C 4 26.67 27.22 2.14
C GLU C 4 26.37 26.42 3.40
N LYS C 5 25.36 26.84 4.15
CA LYS C 5 24.99 26.14 5.38
C LYS C 5 24.34 24.80 5.06
N ILE C 6 23.62 24.75 3.95
CA ILE C 6 22.94 23.54 3.53
C ILE C 6 23.92 22.50 3.01
N ASN C 7 24.96 22.97 2.33
CA ASN C 7 25.97 22.08 1.78
C ASN C 7 26.73 21.34 2.88
N GLU C 8 26.99 22.04 3.98
CA GLU C 8 27.69 21.43 5.09
C GLU C 8 26.81 20.40 5.77
N LEU C 9 25.51 20.69 5.81
CA LEU C 9 24.54 19.78 6.40
C LEU C 9 24.43 18.49 5.60
N THR C 10 24.25 18.63 4.30
CA THR C 10 24.12 17.49 3.41
C THR C 10 25.45 16.88 2.99
N ALA C 11 26.58 17.47 3.39
CA ALA C 11 27.88 17.10 2.82
C ALA C 11 28.17 15.62 3.01
N GLN C 12 27.92 15.10 4.22
CA GLN C 12 28.15 13.68 4.45
C GLN C 12 27.20 12.84 3.62
N ASP C 13 25.94 13.27 3.50
CA ASP C 13 24.96 12.49 2.75
C ASP C 13 25.33 12.45 1.28
N MET C 14 25.75 13.59 0.71
CA MET C 14 26.09 13.63 -0.70
C MET C 14 27.42 12.94 -0.97
N ALA C 15 28.29 12.80 0.05
CA ALA C 15 29.43 11.90 -0.09
C ALA C 15 28.97 10.46 -0.28
N GLY C 16 27.84 10.11 0.32
CA GLY C 16 27.24 8.81 0.12
C GLY C 16 26.52 8.74 -1.21
N VAL C 17 25.91 9.86 -1.62
CA VAL C 17 25.31 9.93 -2.95
C VAL C 17 26.38 9.81 -4.01
N ASN C 18 27.48 10.55 -3.85
CA ASN C 18 28.57 10.49 -4.83
C ASN C 18 29.25 9.13 -4.82
N ALA C 19 29.34 8.49 -3.66
CA ALA C 19 29.89 7.14 -3.61
C ALA C 19 28.97 6.15 -4.33
N ALA C 20 27.66 6.27 -4.11
CA ALA C 20 26.70 5.38 -4.77
C ALA C 20 26.71 5.58 -6.27
N ILE C 21 26.76 6.84 -6.73
CA ILE C 21 26.84 7.12 -8.16
C ILE C 21 28.04 6.43 -8.77
N LEU C 22 29.21 6.58 -8.14
CA LEU C 22 30.44 6.04 -8.72
C LEU C 22 30.47 4.52 -8.62
N GLU C 23 29.76 3.95 -7.65
CA GLU C 23 29.71 2.50 -7.53
C GLU C 23 28.87 1.89 -8.64
N GLN C 24 27.89 2.63 -9.16
CA GLN C 24 27.10 2.09 -10.25
C GLN C 24 27.70 2.37 -11.61
N LEU C 25 28.42 3.47 -11.75
CA LEU C 25 29.16 3.79 -12.97
C LEU C 25 30.64 3.41 -12.83
N ASN C 26 30.90 2.12 -12.72
CA ASN C 26 32.27 1.61 -12.63
C ASN C 26 32.49 0.51 -13.65
N SER C 27 31.97 0.73 -14.86
CA SER C 27 31.96 -0.25 -15.94
C SER C 27 33.25 -0.19 -16.74
N ASP C 28 33.56 -1.32 -17.39
CA ASP C 28 34.73 -1.43 -18.26
C ASP C 28 34.64 -0.51 -19.47
N VAL C 29 33.44 -0.22 -19.95
CA VAL C 29 33.27 0.67 -21.10
C VAL C 29 33.58 2.08 -20.63
N GLN C 30 34.56 2.70 -21.29
CA GLN C 30 35.17 3.93 -20.81
C GLN C 30 34.19 5.09 -20.74
N LEU C 31 33.22 5.16 -21.66
CA LEU C 31 32.29 6.29 -21.67
C LEU C 31 31.42 6.28 -20.43
N ILE C 32 31.04 5.10 -19.96
CA ILE C 32 30.27 5.00 -18.72
C ILE C 32 31.10 5.50 -17.53
N ASN C 33 32.38 5.15 -17.51
CA ASN C 33 33.25 5.52 -16.38
C ASN C 33 33.51 7.02 -16.30
N GLN C 34 33.44 7.70 -17.43
CA GLN C 34 33.67 9.14 -17.48
C GLN C 34 32.51 9.90 -16.88
N LEU C 35 31.30 9.36 -17.03
CA LEU C 35 30.11 10.00 -16.52
C LEU C 35 30.11 10.08 -15.01
N GLY C 36 30.64 9.04 -14.36
CA GLY C 36 30.72 9.01 -12.93
C GLY C 36 31.46 10.22 -12.41
N TYR C 37 32.72 10.36 -12.81
CA TYR C 37 33.52 11.49 -12.37
C TYR C 37 32.87 12.81 -12.73
N TYR C 38 32.37 12.93 -13.95
CA TYR C 38 31.73 14.15 -14.40
C TYR C 38 30.55 14.57 -13.53
N ILE C 39 29.74 13.60 -13.11
CA ILE C 39 28.59 13.88 -12.27
C ILE C 39 28.95 14.41 -10.89
N VAL C 40 29.83 13.71 -10.20
CA VAL C 40 30.24 14.10 -8.85
C VAL C 40 31.11 15.36 -8.79
N SER C 41 31.95 15.55 -9.79
CA SER C 41 32.84 16.71 -9.84
C SER C 41 32.14 17.97 -10.30
N GLY C 42 30.98 17.81 -10.92
CA GLY C 42 30.21 18.93 -11.40
C GLY C 42 29.95 19.95 -10.32
N GLY C 43 30.10 21.23 -10.66
CA GLY C 43 29.88 22.29 -9.70
C GLY C 43 28.47 22.87 -9.68
N GLY C 44 27.50 22.05 -10.04
CA GLY C 44 26.11 22.49 -10.05
C GLY C 44 25.52 22.39 -8.66
N LYS C 45 24.31 22.92 -8.51
CA LYS C 45 23.63 22.90 -7.22
C LYS C 45 23.24 21.48 -6.80
N ARG C 46 22.94 20.63 -7.77
CA ARG C 46 22.53 19.24 -7.52
C ARG C 46 21.43 19.17 -6.47
N ILE C 47 20.38 19.95 -6.68
CA ILE C 47 19.26 20.03 -5.77
C ILE C 47 18.45 18.75 -5.64
N ARG C 48 18.24 18.05 -6.76
CA ARG C 48 17.44 16.83 -6.73
C ARG C 48 17.97 15.76 -5.78
N PRO C 49 19.25 15.34 -5.82
CA PRO C 49 19.71 14.40 -4.79
C PRO C 49 19.67 15.01 -3.41
N MET C 50 19.80 16.33 -3.34
CA MET C 50 19.81 17.02 -2.06
C MET C 50 18.44 17.02 -1.40
N ILE C 51 17.38 17.15 -2.19
CA ILE C 51 16.03 17.00 -1.65
C ILE C 51 15.83 15.59 -1.12
N ALA C 52 16.34 14.60 -1.85
CA ALA C 52 16.16 13.20 -1.46
C ALA C 52 16.82 12.95 -0.10
N VAL C 53 18.09 13.32 0.05
CA VAL C 53 18.76 13.11 1.33
C VAL C 53 18.06 13.89 2.44
N LEU C 54 17.67 15.15 2.17
CA LEU C 54 16.99 15.97 3.18
C LEU C 54 15.59 15.47 3.50
N ALA C 55 14.87 14.97 2.50
CA ALA C 55 13.51 14.49 2.77
C ALA C 55 13.52 13.38 3.81
N ALA C 56 14.48 12.47 3.71
CA ALA C 56 14.54 11.35 4.65
C ALA C 56 14.97 11.82 6.04
N ARG C 57 15.90 12.75 6.11
CA ARG C 57 16.38 13.19 7.42
C ARG C 57 15.45 14.16 8.12
N ALA C 58 14.47 14.73 7.41
CA ALA C 58 13.46 15.53 8.07
C ALA C 58 12.41 14.68 8.77
N VAL C 59 12.37 13.38 8.51
CA VAL C 59 11.41 12.48 9.15
C VAL C 59 12.12 11.50 10.08
N GLY C 60 13.38 11.76 10.43
CA GLY C 60 14.04 10.97 11.46
C GLY C 60 14.62 9.69 10.95
N TYR C 61 15.10 9.67 9.71
CA TYR C 61 15.70 8.48 9.14
C TYR C 61 17.18 8.43 9.51
N GLU C 62 17.68 7.20 9.69
CA GLU C 62 19.09 7.05 10.04
C GLU C 62 19.68 5.77 9.47
N GLY C 63 19.16 5.29 8.35
CA GLY C 63 19.86 4.36 7.50
C GLY C 63 20.67 5.06 6.43
N ASN C 64 20.85 4.36 5.31
CA ASN C 64 21.52 4.94 4.17
C ASN C 64 20.81 4.68 2.85
N ALA C 65 19.64 4.03 2.86
CA ALA C 65 18.96 3.75 1.61
C ALA C 65 18.54 5.03 0.91
N HIS C 66 18.40 6.13 1.64
CA HIS C 66 18.02 7.41 1.07
C HIS C 66 19.06 7.99 0.12
N VAL C 67 20.33 7.60 0.24
CA VAL C 67 21.30 8.06 -0.75
C VAL C 67 21.08 7.33 -2.07
N THR C 68 20.62 6.08 -2.01
CA THR C 68 20.30 5.35 -3.23
C THR C 68 19.15 6.02 -3.97
N ILE C 69 18.14 6.47 -3.21
CA ILE C 69 17.07 7.27 -3.81
C ILE C 69 17.63 8.52 -4.45
N ALA C 70 18.59 9.16 -3.77
CA ALA C 70 19.23 10.34 -4.33
C ALA C 70 19.98 10.02 -5.60
N ALA C 71 20.70 8.89 -5.63
CA ALA C 71 21.51 8.54 -6.80
C ALA C 71 20.64 8.20 -8.01
N LEU C 72 19.70 7.27 -7.86
CA LEU C 72 18.90 6.85 -9.02
C LEU C 72 18.07 8.00 -9.56
N ILE C 73 17.56 8.86 -8.69
CA ILE C 73 16.86 10.06 -9.13
C ILE C 73 17.80 10.95 -9.91
N GLU C 74 19.03 11.13 -9.42
CA GLU C 74 20.03 11.85 -10.20
C GLU C 74 20.36 11.11 -11.47
N PHE C 75 20.38 9.77 -11.42
CA PHE C 75 20.58 8.98 -12.62
C PHE C 75 19.45 9.23 -13.63
N ILE C 76 18.21 9.13 -13.17
CA ILE C 76 17.06 9.36 -14.05
C ILE C 76 17.15 10.73 -14.72
N HIS C 77 17.37 11.78 -13.92
CA HIS C 77 17.47 13.12 -14.50
C HIS C 77 18.56 13.19 -15.57
N THR C 78 19.71 12.57 -15.31
CA THR C 78 20.77 12.53 -16.32
C THR C 78 20.31 11.80 -17.57
N ALA C 79 19.56 10.71 -17.41
CA ALA C 79 19.13 9.93 -18.55
C ALA C 79 18.18 10.70 -19.46
N THR C 80 17.29 11.51 -18.88
CA THR C 80 16.38 12.31 -19.72
C THR C 80 17.15 13.36 -20.50
N LEU C 81 18.20 13.93 -19.90
CA LEU C 81 19.00 14.94 -20.59
C LEU C 81 19.69 14.36 -21.81
N LEU C 82 20.19 13.11 -21.71
CA LEU C 82 20.83 12.48 -22.85
C LEU C 82 19.82 12.15 -23.95
N HIS C 83 18.62 11.71 -23.57
CA HIS C 83 17.61 11.45 -24.59
C HIS C 83 17.05 12.74 -25.16
N ASP C 84 17.10 13.83 -24.39
CA ASP C 84 16.69 15.12 -24.90
C ASP C 84 17.67 15.64 -25.95
N ASP C 85 18.92 15.18 -25.88
CA ASP C 85 19.95 15.50 -26.85
C ASP C 85 19.76 14.78 -28.18
N VAL C 86 18.71 13.97 -28.30
CA VAL C 86 18.47 13.26 -29.53
C VAL C 86 17.84 14.16 -30.58
N VAL C 87 18.51 14.29 -31.72
CA VAL C 87 18.03 15.13 -32.81
C VAL C 87 17.72 14.25 -34.02
N ASP C 88 16.88 14.77 -34.92
CA ASP C 88 16.52 14.01 -36.12
C ASP C 88 17.20 14.52 -37.39
N GLU C 89 16.40 15.13 -38.26
CA GLU C 89 16.87 15.68 -39.53
C GLU C 89 17.70 14.65 -40.31
N PHE C 103 28.80 13.47 -28.35
CA PHE C 103 27.72 12.51 -28.30
C PHE C 103 26.83 12.56 -29.53
N GLY C 104 26.90 11.52 -30.34
CA GLY C 104 26.01 11.38 -31.48
C GLY C 104 24.65 10.93 -30.99
N ASN C 105 23.77 10.61 -31.94
CA ASN C 105 22.44 10.16 -31.53
C ASN C 105 22.52 8.78 -30.89
N ALA C 106 23.44 7.93 -31.36
CA ALA C 106 23.58 6.60 -30.78
C ALA C 106 24.09 6.66 -29.34
N ALA C 107 25.09 7.53 -29.09
CA ALA C 107 25.66 7.61 -27.75
C ALA C 107 24.64 8.11 -26.74
N SER C 108 23.87 9.14 -27.09
CA SER C 108 22.87 9.68 -26.18
C SER C 108 21.74 8.68 -25.93
N VAL C 109 21.38 7.90 -26.96
CA VAL C 109 20.32 6.92 -26.80
C VAL C 109 20.78 5.76 -25.91
N LEU C 110 21.91 5.14 -26.24
CA LEU C 110 22.28 3.92 -25.54
C LEU C 110 22.84 4.20 -24.15
N VAL C 111 23.60 5.27 -24.00
CA VAL C 111 24.05 5.63 -22.65
C VAL C 111 22.87 6.10 -21.82
N GLY C 112 21.94 6.83 -22.44
CA GLY C 112 20.69 7.13 -21.77
C GLY C 112 19.94 5.88 -21.34
N ASP C 113 19.91 4.88 -22.22
CA ASP C 113 19.29 3.60 -21.86
C ASP C 113 19.99 2.95 -20.69
N PHE C 114 21.34 2.90 -20.73
CA PHE C 114 22.10 2.32 -19.63
C PHE C 114 21.76 2.99 -18.31
N ILE C 115 21.83 4.32 -18.24
CA ILE C 115 21.60 5.02 -16.99
C ILE C 115 20.17 4.78 -16.50
N TYR C 116 19.21 4.79 -17.42
CA TYR C 116 17.82 4.56 -17.06
C TYR C 116 17.63 3.17 -16.45
N THR C 117 17.96 2.13 -17.21
CA THR C 117 17.85 0.75 -16.73
C THR C 117 18.60 0.55 -15.42
N ARG C 118 19.68 1.29 -15.21
CA ARG C 118 20.43 1.13 -13.96
C ARG C 118 19.69 1.76 -12.79
N ALA C 119 19.03 2.90 -13.02
CA ALA C 119 18.15 3.45 -11.99
C ALA C 119 17.05 2.45 -11.63
N PHE C 120 16.58 1.67 -12.61
CA PHE C 120 15.52 0.69 -12.32
C PHE C 120 16.03 -0.45 -11.44
N GLN C 121 17.25 -0.94 -11.68
CA GLN C 121 17.80 -1.94 -10.76
C GLN C 121 18.02 -1.34 -9.38
N MET C 122 18.47 -0.08 -9.31
CA MET C 122 18.64 0.57 -8.03
C MET C 122 17.30 0.73 -7.32
N MET C 123 16.23 1.00 -8.08
CA MET C 123 14.89 1.01 -7.52
C MET C 123 14.53 -0.35 -6.95
N THR C 124 14.81 -1.40 -7.71
CA THR C 124 14.44 -2.75 -7.30
C THR C 124 15.21 -3.18 -6.05
N SER C 125 16.49 -2.83 -5.99
CA SER C 125 17.36 -3.29 -4.90
C SER C 125 16.90 -2.82 -3.53
N LEU C 126 16.14 -1.72 -3.46
CA LEU C 126 15.60 -1.28 -2.17
C LEU C 126 14.46 -2.15 -1.68
N GLY C 127 13.90 -3.01 -2.53
CA GLY C 127 12.95 -4.02 -2.08
C GLY C 127 11.60 -3.52 -1.65
N SER C 128 11.25 -2.26 -1.91
CA SER C 128 9.96 -1.70 -1.55
C SER C 128 9.09 -1.65 -2.80
N LEU C 129 8.00 -2.43 -2.82
CA LEU C 129 7.09 -2.40 -3.94
C LEU C 129 6.39 -1.05 -4.07
N LYS C 130 6.18 -0.34 -2.96
CA LYS C 130 5.52 0.96 -3.08
C LYS C 130 6.42 1.99 -3.73
N VAL C 131 7.71 2.04 -3.37
CA VAL C 131 8.61 2.98 -4.03
C VAL C 131 8.76 2.61 -5.50
N LEU C 132 8.75 1.31 -5.81
CA LEU C 132 8.81 0.89 -7.20
C LEU C 132 7.61 1.41 -7.96
N GLU C 133 6.44 1.39 -7.32
CA GLU C 133 5.21 1.86 -7.96
C GLU C 133 5.22 3.37 -8.15
N VAL C 134 5.68 4.11 -7.13
CA VAL C 134 5.69 5.56 -7.22
C VAL C 134 6.72 6.03 -8.25
N MET C 135 7.89 5.38 -8.29
CA MET C 135 8.93 5.80 -9.23
C MET C 135 8.64 5.34 -10.64
N SER C 136 8.08 4.13 -10.80
CA SER C 136 7.70 3.65 -12.12
C SER C 136 6.71 4.59 -12.78
N GLU C 137 5.78 5.16 -12.02
CA GLU C 137 4.81 6.03 -12.65
C GLU C 137 5.39 7.43 -12.88
N ALA C 138 6.37 7.84 -12.08
CA ALA C 138 6.98 9.16 -12.28
C ALA C 138 7.70 9.25 -13.62
N VAL C 139 8.55 8.27 -13.94
CA VAL C 139 9.36 8.38 -15.16
C VAL C 139 8.54 8.04 -16.39
N ASN C 140 7.48 7.24 -16.24
CA ASN C 140 6.55 7.05 -17.36
C ASN C 140 5.76 8.33 -17.60
N VAL C 141 5.42 9.03 -16.51
CA VAL C 141 4.84 10.37 -16.64
C VAL C 141 5.87 11.30 -17.28
N ILE C 142 7.15 11.10 -16.95
CA ILE C 142 8.21 11.94 -17.51
C ILE C 142 8.36 11.68 -19.00
N ALA C 143 8.36 10.40 -19.39
CA ALA C 143 8.38 10.06 -20.81
C ALA C 143 7.18 10.67 -21.53
N GLU C 144 6.04 10.80 -20.83
CA GLU C 144 4.86 11.36 -21.47
C GLU C 144 5.00 12.87 -21.65
N GLY C 145 5.50 13.57 -20.63
CA GLY C 145 5.68 15.00 -20.74
C GLY C 145 6.73 15.37 -21.76
N GLU C 146 7.69 14.48 -21.98
CA GLU C 146 8.74 14.73 -22.95
C GLU C 146 8.17 14.65 -24.35
N VAL C 147 7.28 13.70 -24.57
CA VAL C 147 6.64 13.52 -25.86
C VAL C 147 5.61 14.59 -26.10
N LEU C 148 5.02 15.11 -25.02
CA LEU C 148 4.02 16.15 -25.13
C LEU C 148 4.66 17.47 -25.51
N GLN C 149 5.89 17.67 -25.06
CA GLN C 149 6.61 18.90 -25.36
C GLN C 149 7.12 18.86 -26.79
N LEU C 150 7.36 17.65 -27.29
CA LEU C 150 7.83 17.44 -28.65
C LEU C 150 6.69 17.74 -29.62
N MET C 151 5.47 17.43 -29.20
CA MET C 151 4.29 17.67 -30.01
C MET C 151 3.89 19.13 -29.95
N ASN C 152 4.31 19.81 -28.89
CA ASN C 152 3.98 21.21 -28.70
C ASN C 152 4.96 22.14 -29.39
N VAL C 153 6.03 21.58 -29.94
CA VAL C 153 7.02 22.40 -30.63
C VAL C 153 6.36 23.16 -31.78
N ASN C 154 6.73 24.43 -31.91
CA ASN C 154 6.18 25.31 -32.95
C ASN C 154 4.67 25.26 -32.98
N ASP C 155 4.05 25.59 -31.85
CA ASP C 155 2.60 25.58 -31.74
C ASP C 155 2.14 26.51 -30.63
N PRO C 156 1.95 27.79 -30.95
CA PRO C 156 1.50 28.81 -29.99
C PRO C 156 -0.02 28.82 -29.87
N ASP C 157 -0.59 27.74 -29.38
CA ASP C 157 -2.04 27.64 -29.23
C ASP C 157 -2.39 26.52 -28.26
N ILE C 158 -1.98 26.65 -27.00
CA ILE C 158 -2.26 25.62 -26.01
C ILE C 158 -2.20 26.14 -24.58
N THR C 159 -1.32 27.11 -24.33
CA THR C 159 -1.12 27.69 -23.00
C THR C 159 -0.94 26.62 -21.93
N MET C 164 1.28 23.62 -18.45
CA MET C 164 1.53 23.27 -17.06
C MET C 164 1.67 21.77 -16.90
N ARG C 165 1.02 20.99 -17.77
CA ARG C 165 1.22 19.55 -17.69
C ARG C 165 2.57 19.15 -18.26
N VAL C 166 3.16 19.99 -19.11
CA VAL C 166 4.50 19.67 -19.63
C VAL C 166 5.55 19.93 -18.57
N ILE C 167 5.40 21.00 -17.80
CA ILE C 167 6.37 21.28 -16.76
C ILE C 167 6.12 20.39 -15.53
N TYR C 168 4.86 20.05 -15.26
CA TYR C 168 4.59 19.15 -14.14
C TYR C 168 5.10 17.74 -14.43
N SER C 169 4.91 17.28 -15.66
CA SER C 169 5.15 15.89 -16.01
C SER C 169 6.58 15.62 -16.43
N LYS C 170 7.42 16.65 -16.49
CA LYS C 170 8.80 16.51 -16.91
C LYS C 170 9.74 16.92 -15.79
N THR C 171 9.56 18.13 -15.24
CA THR C 171 10.39 18.64 -14.16
C THR C 171 9.83 18.36 -12.77
N ALA C 172 8.51 18.54 -12.55
CA ALA C 172 7.99 18.50 -11.19
C ALA C 172 7.62 17.12 -10.67
N ARG C 173 7.44 16.12 -11.54
CA ARG C 173 7.07 14.81 -11.00
C ARG C 173 8.28 14.08 -10.44
N LEU C 174 9.48 14.39 -10.93
CA LEU C 174 10.67 13.76 -10.37
C LEU C 174 11.02 14.36 -9.01
N PHE C 175 10.79 15.66 -8.83
CA PHE C 175 10.93 16.27 -7.52
C PHE C 175 9.96 15.64 -6.52
N GLU C 176 8.67 15.57 -6.90
CA GLU C 176 7.65 15.01 -6.02
C GLU C 176 8.01 13.60 -5.59
N ALA C 177 8.26 12.72 -6.56
CA ALA C 177 8.60 11.33 -6.22
C ALA C 177 9.88 11.27 -5.40
N ALA C 178 10.82 12.20 -5.65
CA ALA C 178 12.07 12.19 -4.89
C ALA C 178 11.81 12.37 -3.40
N ALA C 179 11.04 13.38 -3.02
CA ALA C 179 10.76 13.63 -1.61
C ALA C 179 9.83 12.55 -1.05
N GLN C 180 8.75 12.25 -1.79
CA GLN C 180 7.77 11.29 -1.31
C GLN C 180 8.38 9.91 -1.12
N CYS C 181 9.22 9.50 -2.06
CA CYS C 181 9.85 8.19 -2.00
C CYS C 181 10.88 8.13 -0.88
N SER C 182 11.42 9.27 -0.52
CA SER C 182 12.40 9.34 0.55
C SER C 182 11.71 9.09 1.88
N GLY C 183 10.50 9.62 2.00
CA GLY C 183 9.73 9.46 3.21
C GLY C 183 9.16 8.06 3.38
N ILE C 184 8.85 7.41 2.27
CA ILE C 184 8.30 6.07 2.30
C ILE C 184 9.34 5.07 2.78
N LEU C 185 10.60 5.32 2.43
CA LEU C 185 11.69 4.45 2.82
C LEU C 185 11.96 4.54 4.31
N ALA C 186 11.72 5.71 4.88
CA ALA C 186 11.92 5.94 6.31
C ALA C 186 10.65 5.69 7.12
N GLY C 187 9.65 5.11 6.47
CA GLY C 187 8.40 4.80 7.12
C GLY C 187 7.84 5.97 7.88
N CYS C 188 7.59 7.06 7.16
CA CYS C 188 7.03 8.24 7.78
C CYS C 188 5.51 8.11 7.81
N THR C 189 4.85 8.99 8.55
CA THR C 189 3.41 8.95 8.67
C THR C 189 2.74 9.38 7.37
N PRO C 190 1.49 8.93 7.16
CA PRO C 190 0.71 9.26 5.98
C PRO C 190 0.70 10.75 5.67
N GLU C 191 0.48 11.59 6.68
CA GLU C 191 0.47 13.03 6.48
C GLU C 191 1.88 13.52 6.18
N GLU C 192 2.87 12.90 6.79
CA GLU C 192 4.26 13.28 6.56
C GLU C 192 4.64 12.99 5.11
N GLU C 193 4.19 11.85 4.61
CA GLU C 193 4.49 11.45 3.24
C GLU C 193 3.78 12.35 2.24
N LYS C 194 2.59 12.82 2.60
CA LYS C 194 1.82 13.69 1.73
C LYS C 194 2.44 15.08 1.68
N GLY C 195 3.09 15.48 2.77
CA GLY C 195 3.74 16.77 2.84
C GLY C 195 4.94 16.80 1.92
N LEU C 196 5.74 15.76 1.97
CA LEU C 196 6.92 15.66 1.13
C LEU C 196 6.50 15.60 -0.33
N GLN C 197 5.49 14.78 -0.60
CA GLN C 197 4.98 14.64 -1.96
C GLN C 197 4.53 15.98 -2.54
N ASP C 198 3.74 16.74 -1.77
CA ASP C 198 3.30 18.05 -2.24
C ASP C 198 4.47 19.01 -2.36
N TYR C 199 5.42 18.90 -1.44
CA TYR C 199 6.59 19.77 -1.47
C TYR C 199 7.38 19.58 -2.76
N GLY C 200 7.63 18.32 -3.15
CA GLY C 200 8.35 18.08 -4.39
C GLY C 200 7.61 18.58 -5.61
N ARG C 201 6.33 18.21 -5.73
CA ARG C 201 5.54 18.68 -6.87
C ARG C 201 5.52 20.20 -6.95
N TYR C 202 5.39 20.88 -5.82
CA TYR C 202 5.29 22.33 -5.85
C TYR C 202 6.65 22.98 -6.05
N LEU C 203 7.68 22.49 -5.37
CA LEU C 203 9.01 23.06 -5.59
C LEU C 203 9.51 22.79 -7.00
N GLY C 204 9.22 21.59 -7.54
CA GLY C 204 9.61 21.29 -8.90
C GLY C 204 8.93 22.17 -9.94
N THR C 205 7.65 22.47 -9.74
CA THR C 205 6.93 23.31 -10.71
C THR C 205 7.42 24.74 -10.65
N ALA C 206 7.69 25.27 -9.46
CA ALA C 206 8.34 26.57 -9.34
C ALA C 206 9.72 26.54 -9.99
N PHE C 207 10.43 25.42 -9.83
CA PHE C 207 11.76 25.28 -10.39
C PHE C 207 11.78 25.44 -11.90
N GLN C 208 10.80 24.86 -12.59
CA GLN C 208 10.83 24.94 -14.05
C GLN C 208 10.32 26.29 -14.57
N LEU C 209 9.42 26.94 -13.82
CA LEU C 209 9.03 28.28 -14.22
C LEU C 209 10.19 29.26 -14.04
N ILE C 210 11.05 28.99 -13.07
CA ILE C 210 12.20 29.84 -12.84
C ILE C 210 13.22 29.60 -13.95
N ASP C 211 13.39 28.33 -14.32
CA ASP C 211 14.34 27.96 -15.35
C ASP C 211 13.79 28.30 -16.74
N ASP C 212 12.47 28.36 -16.85
CA ASP C 212 11.82 28.72 -18.11
C ASP C 212 12.02 30.21 -18.34
N LEU C 213 12.02 30.97 -17.25
CA LEU C 213 12.19 32.41 -17.32
C LEU C 213 13.66 32.78 -17.31
N LEU C 214 14.52 31.85 -16.88
CA LEU C 214 15.95 32.11 -16.82
C LEU C 214 16.61 32.10 -18.19
N ASP C 215 15.90 31.50 -19.16
CA ASP C 215 16.65 31.39 -20.40
C ASP C 215 16.69 32.77 -21.06
N TYR C 216 15.59 33.62 -20.87
CA TYR C 216 15.61 35.03 -21.26
C TYR C 216 16.13 35.84 -20.06
N ASN C 217 17.42 35.75 -19.82
CA ASN C 217 18.04 36.46 -18.70
C ASN C 217 17.71 37.96 -18.73
N ASP C 230 21.42 30.14 -23.24
CA ASP C 230 20.40 31.16 -23.42
C ASP C 230 19.88 31.18 -24.85
N LEU C 231 19.12 30.14 -25.20
CA LEU C 231 18.57 30.01 -26.55
C LEU C 231 17.06 30.01 -26.54
N ASN C 232 16.49 28.81 -26.49
CA ASN C 232 15.03 28.60 -26.47
C ASN C 232 14.27 29.25 -27.62
N GLU C 233 14.46 28.71 -28.81
CA GLU C 233 13.76 29.19 -30.02
C GLU C 233 13.00 28.00 -30.57
N GLY C 234 11.68 28.11 -30.67
CA GLY C 234 10.90 26.98 -31.13
C GLY C 234 9.93 26.50 -30.08
N LYS C 235 10.42 26.38 -28.85
CA LYS C 235 9.59 25.92 -27.74
C LYS C 235 8.85 27.06 -27.07
N PRO C 236 7.51 26.98 -27.05
CA PRO C 236 6.65 28.00 -26.44
C PRO C 236 6.65 27.88 -24.93
N THR C 237 7.22 28.88 -24.25
CA THR C 237 7.28 28.88 -22.80
C THR C 237 6.32 29.91 -22.23
N LEU C 238 6.02 29.78 -20.95
CA LEU C 238 5.09 30.68 -20.25
C LEU C 238 5.42 32.15 -20.49
N PRO C 239 6.67 32.54 -20.21
CA PRO C 239 7.11 33.93 -20.38
C PRO C 239 6.78 34.48 -21.76
N LEU C 240 7.08 33.71 -22.80
CA LEU C 240 6.82 34.12 -24.16
C LEU C 240 5.41 33.79 -24.64
N LEU C 241 4.62 33.15 -23.78
CA LEU C 241 3.26 32.78 -24.15
C LEU C 241 2.31 33.96 -23.96
N HIS C 242 2.73 34.94 -23.20
CA HIS C 242 1.91 36.12 -22.97
C HIS C 242 2.52 37.36 -23.59
N ALA C 243 2.00 37.72 -24.76
CA ALA C 243 2.48 38.89 -25.48
C ALA C 243 1.39 39.95 -25.58
N PRO C 249 -1.32 44.75 -31.64
CA PRO C 249 -0.68 43.44 -31.55
C PRO C 249 0.41 43.26 -32.61
N GLU C 250 1.38 44.18 -32.64
CA GLU C 250 2.46 44.09 -33.60
C GLU C 250 3.54 43.15 -33.10
N GLN C 251 3.58 42.95 -31.78
CA GLN C 251 4.55 42.07 -31.16
C GLN C 251 4.01 40.65 -31.15
N ALA C 252 2.69 40.53 -31.19
CA ALA C 252 2.04 39.21 -31.18
C ALA C 252 2.40 38.41 -32.42
N GLN C 253 2.50 39.08 -33.55
CA GLN C 253 2.85 38.41 -34.79
C GLN C 253 4.34 38.15 -34.78
N MET C 254 5.08 39.04 -34.12
CA MET C 254 6.52 38.91 -34.01
C MET C 254 6.86 37.58 -33.35
N ILE C 255 6.11 37.23 -32.32
CA ILE C 255 6.35 35.98 -31.60
C ILE C 255 5.69 34.78 -32.27
N ARG C 256 4.59 35.03 -32.97
CA ARG C 256 3.87 33.96 -33.66
C ARG C 256 4.72 33.40 -34.79
N THR C 257 5.45 34.27 -35.47
CA THR C 257 6.32 33.88 -36.56
C THR C 257 7.64 33.36 -36.01
N ALA C 258 7.95 33.74 -34.76
CA ALA C 258 9.19 33.31 -34.12
C ALA C 258 9.04 31.95 -33.44
N ILE C 259 7.83 31.42 -33.40
CA ILE C 259 7.57 30.14 -32.78
C ILE C 259 7.17 29.11 -33.84
N GLU C 260 6.55 29.60 -34.91
CA GLU C 260 6.11 28.74 -35.99
C GLU C 260 7.27 28.33 -36.88
N GLN C 261 8.33 29.14 -36.87
CA GLN C 261 9.51 28.85 -37.67
C GLN C 261 10.73 28.72 -36.77
N GLY C 262 10.77 29.53 -35.73
CA GLY C 262 11.88 29.52 -34.79
C GLY C 262 13.21 29.67 -35.48
N ASN C 263 14.18 28.87 -35.06
CA ASN C 263 15.53 28.88 -35.62
C ASN C 263 16.12 30.27 -35.74
N GLY C 264 16.20 30.99 -34.63
CA GLY C 264 16.75 32.33 -34.65
C GLY C 264 16.71 33.05 -33.32
N ARG C 265 17.88 33.25 -32.73
CA ARG C 265 17.99 33.94 -31.45
C ARG C 265 18.27 35.42 -31.68
N HIS C 266 17.84 35.93 -32.82
CA HIS C 266 18.06 37.33 -33.16
C HIS C 266 16.85 38.15 -32.76
N LEU C 267 15.83 37.48 -32.26
CA LEU C 267 14.61 38.15 -31.82
C LEU C 267 14.63 38.36 -30.31
N LEU C 268 15.79 38.13 -29.71
CA LEU C 268 15.97 38.26 -28.27
C LEU C 268 15.65 39.66 -27.75
N GLU C 269 16.44 40.63 -28.21
CA GLU C 269 16.27 42.03 -27.81
C GLU C 269 14.83 42.51 -27.95
N PRO C 270 14.26 42.31 -29.14
CA PRO C 270 12.88 42.72 -29.42
C PRO C 270 11.90 42.21 -28.36
N VAL C 271 11.85 40.91 -28.14
CA VAL C 271 10.92 40.34 -27.17
C VAL C 271 11.29 40.67 -25.72
N LEU C 272 12.56 40.92 -25.47
CA LEU C 272 13.00 41.26 -24.12
C LEU C 272 12.27 42.53 -23.70
N GLU C 273 12.15 43.46 -24.64
CA GLU C 273 11.41 44.69 -24.40
C GLU C 273 9.92 44.38 -24.44
N ALA C 274 9.54 43.54 -25.39
CA ALA C 274 8.15 43.14 -25.55
C ALA C 274 7.65 42.55 -24.23
N MET C 275 8.40 41.61 -23.68
CA MET C 275 8.04 40.98 -22.42
C MET C 275 7.92 42.06 -21.36
N ASN C 276 8.93 42.91 -21.28
CA ASN C 276 8.97 43.99 -20.32
C ASN C 276 7.70 44.83 -20.39
N ALA C 277 7.36 45.26 -21.60
CA ALA C 277 6.17 46.06 -21.82
C ALA C 277 4.91 45.37 -21.32
N CYS C 278 4.77 44.09 -21.70
CA CYS C 278 3.60 43.31 -21.31
C CYS C 278 3.65 42.92 -19.83
N GLY C 279 4.86 42.84 -19.29
CA GLY C 279 5.03 42.48 -17.90
C GLY C 279 4.83 41.00 -17.66
N SER C 280 5.04 40.20 -18.70
CA SER C 280 4.87 38.77 -18.61
C SER C 280 6.13 38.11 -18.06
N LEU C 281 7.22 38.85 -18.05
CA LEU C 281 8.51 38.36 -17.56
C LEU C 281 8.53 38.25 -16.04
N GLU C 282 7.70 39.04 -15.38
CA GLU C 282 7.64 39.03 -13.93
C GLU C 282 6.60 38.03 -13.43
N TRP C 283 5.45 37.97 -14.10
CA TRP C 283 4.41 37.05 -13.66
C TRP C 283 4.99 35.68 -13.37
N THR C 284 5.57 35.05 -14.39
CA THR C 284 6.19 33.74 -14.19
C THR C 284 7.01 33.70 -12.90
N ARG C 285 7.78 34.76 -12.63
CA ARG C 285 8.48 34.80 -11.35
C ARG C 285 7.47 34.89 -10.23
N GLN C 286 6.38 35.66 -10.45
CA GLN C 286 5.29 35.73 -9.49
C GLN C 286 4.61 34.39 -9.30
N ARG C 287 4.41 33.63 -10.38
CA ARG C 287 3.77 32.33 -10.27
C ARG C 287 4.72 31.25 -9.77
N ALA C 288 6.02 31.40 -10.02
CA ALA C 288 6.98 30.47 -9.43
C ALA C 288 7.05 30.67 -7.92
N GLU C 289 7.10 31.92 -7.48
CA GLU C 289 7.08 32.21 -6.05
C GLU C 289 5.74 31.85 -5.44
N GLU C 290 4.69 31.87 -6.27
CA GLU C 290 3.39 31.34 -5.87
C GLU C 290 3.51 29.86 -5.52
N GLU C 291 4.23 29.10 -6.34
CA GLU C 291 4.35 27.66 -6.14
C GLU C 291 5.39 27.33 -5.08
N ALA C 292 6.43 28.16 -4.92
CA ALA C 292 7.40 27.95 -3.86
C ALA C 292 6.77 28.09 -2.48
N ASP C 293 5.81 28.99 -2.34
CA ASP C 293 5.13 29.15 -1.05
C ASP C 293 4.26 27.93 -0.74
N LYS C 294 3.58 27.40 -1.76
CA LYS C 294 2.83 26.16 -1.57
C LYS C 294 3.74 25.00 -1.20
N ALA C 295 4.98 24.99 -1.70
CA ALA C 295 5.92 23.95 -1.31
C ALA C 295 6.34 24.10 0.15
N ILE C 296 6.56 25.35 0.60
CA ILE C 296 6.90 25.57 2.00
C ILE C 296 5.71 25.27 2.91
N ALA C 297 4.50 25.61 2.45
CA ALA C 297 3.30 25.41 3.26
C ALA C 297 3.11 23.94 3.59
N ALA C 298 3.34 23.06 2.60
CA ALA C 298 3.14 21.64 2.80
C ALA C 298 4.17 21.03 3.74
N LEU C 299 5.26 21.74 4.01
CA LEU C 299 6.30 21.25 4.91
C LEU C 299 6.02 21.54 6.37
N GLN C 300 4.92 22.22 6.68
CA GLN C 300 4.62 22.60 8.05
C GLN C 300 3.87 21.51 8.81
N VAL C 301 3.89 20.29 8.29
CA VAL C 301 3.34 19.11 8.93
C VAL C 301 4.47 18.19 9.43
N LEU C 302 5.72 18.64 9.34
CA LEU C 302 6.88 17.86 9.72
C LEU C 302 7.62 18.49 10.89
N PRO C 303 8.42 17.71 11.61
CA PRO C 303 9.13 18.24 12.79
C PRO C 303 10.05 19.40 12.43
N ASP C 304 10.10 20.40 13.30
CA ASP C 304 11.01 21.52 13.11
C ASP C 304 12.44 21.04 13.37
N THR C 305 13.20 20.86 12.31
CA THR C 305 14.56 20.35 12.37
C THR C 305 15.42 21.13 11.40
N PRO C 306 16.74 21.16 11.62
CA PRO C 306 17.63 21.75 10.61
C PRO C 306 17.50 21.12 9.25
N TRP C 307 17.19 19.82 9.19
CA TRP C 307 16.95 19.17 7.90
C TRP C 307 15.76 19.79 7.18
N ARG C 308 14.67 20.02 7.91
CA ARG C 308 13.49 20.62 7.30
C ARG C 308 13.74 22.08 6.93
N GLU C 309 14.53 22.78 7.74
CA GLU C 309 14.83 24.17 7.43
C GLU C 309 15.66 24.31 6.18
N ALA C 310 16.46 23.28 5.85
CA ALA C 310 17.17 23.28 4.57
C ALA C 310 16.20 23.14 3.42
N LEU C 311 15.16 22.33 3.60
CA LEU C 311 14.14 22.19 2.58
C LEU C 311 13.45 23.51 2.30
N ILE C 312 13.06 24.22 3.36
CA ILE C 312 12.48 25.55 3.18
C ILE C 312 13.51 26.53 2.61
N GLY C 313 14.79 26.37 3.01
CA GLY C 313 15.83 27.25 2.50
C GLY C 313 16.02 27.13 1.00
N LEU C 314 16.20 25.90 0.50
CA LEU C 314 16.44 25.77 -0.93
C LEU C 314 15.19 26.03 -1.75
N ALA C 315 14.00 25.90 -1.18
CA ALA C 315 12.79 26.35 -1.88
C ALA C 315 12.84 27.86 -2.08
N HIS C 316 13.37 28.59 -1.09
CA HIS C 316 13.58 30.03 -1.24
C HIS C 316 14.69 30.34 -2.25
N ILE C 317 15.76 29.54 -2.23
CA ILE C 317 16.87 29.77 -3.15
C ILE C 317 16.43 29.56 -4.59
N ALA C 318 15.51 28.63 -4.82
CA ALA C 318 15.05 28.36 -6.18
C ALA C 318 14.35 29.56 -6.80
N VAL C 319 13.64 30.35 -5.99
CA VAL C 319 12.90 31.49 -6.48
C VAL C 319 13.66 32.80 -6.34
N GLN C 320 14.95 32.75 -6.02
CA GLN C 320 15.76 33.96 -5.99
C GLN C 320 17.07 33.78 -6.77
N ASN D 2 5.85 -28.13 -36.58
CA ASN D 2 4.69 -28.03 -35.71
C ASN D 2 4.10 -26.63 -35.73
N LEU D 3 4.02 -26.06 -36.93
CA LEU D 3 3.50 -24.71 -37.14
C LEU D 3 2.16 -24.49 -36.45
N GLU D 4 1.14 -25.21 -36.89
CA GLU D 4 -0.19 -25.09 -36.32
C GLU D 4 -0.24 -25.74 -34.94
N LYS D 5 0.58 -26.77 -34.76
CA LYS D 5 0.65 -27.49 -33.50
C LYS D 5 0.89 -26.54 -32.34
N ILE D 6 1.87 -25.66 -32.47
CA ILE D 6 2.19 -24.70 -31.42
C ILE D 6 1.30 -23.47 -31.49
N ASN D 7 0.97 -23.05 -32.70
CA ASN D 7 0.13 -21.88 -32.89
C ASN D 7 -1.25 -22.09 -32.29
N GLU D 8 -1.99 -23.04 -32.85
CA GLU D 8 -3.34 -23.35 -32.39
C GLU D 8 -3.41 -23.58 -30.88
N LEU D 9 -2.49 -24.38 -30.37
CA LEU D 9 -2.44 -24.69 -28.94
C LEU D 9 -2.37 -23.44 -28.08
N THR D 10 -1.36 -22.62 -28.33
CA THR D 10 -1.12 -21.40 -27.58
C THR D 10 -1.99 -20.23 -28.02
N ALA D 11 -2.68 -20.39 -29.14
CA ALA D 11 -3.53 -19.33 -29.69
C ALA D 11 -4.49 -18.69 -28.68
N GLN D 12 -5.14 -19.53 -27.88
CA GLN D 12 -6.10 -19.04 -26.89
C GLN D 12 -5.56 -17.93 -26.00
N ASP D 13 -4.55 -18.22 -25.20
CA ASP D 13 -4.00 -17.21 -24.31
C ASP D 13 -2.97 -16.26 -24.92
N MET D 14 -2.68 -16.43 -26.20
CA MET D 14 -1.73 -15.53 -26.88
C MET D 14 -2.45 -14.30 -27.40
N ALA D 15 -3.78 -14.37 -27.43
CA ALA D 15 -4.61 -13.25 -27.84
C ALA D 15 -4.86 -12.33 -26.63
N GLY D 16 -4.63 -12.87 -25.44
CA GLY D 16 -4.79 -12.11 -24.22
C GLY D 16 -3.60 -11.19 -24.03
N VAL D 17 -2.44 -11.64 -24.49
CA VAL D 17 -1.22 -10.84 -24.39
C VAL D 17 -1.28 -9.72 -25.42
N ASN D 18 -1.94 -9.98 -26.54
CA ASN D 18 -2.11 -8.99 -27.59
C ASN D 18 -3.10 -7.94 -27.11
N ALA D 19 -4.08 -8.39 -26.35
CA ALA D 19 -5.07 -7.49 -25.79
C ALA D 19 -4.40 -6.63 -24.75
N ALA D 20 -3.52 -7.26 -23.97
CA ALA D 20 -2.79 -6.56 -22.92
C ALA D 20 -1.93 -5.45 -23.50
N ILE D 21 -1.10 -5.81 -24.48
CA ILE D 21 -0.22 -4.87 -25.13
C ILE D 21 -1.00 -3.68 -25.68
N LEU D 22 -2.08 -3.98 -26.40
CA LEU D 22 -2.90 -2.94 -27.01
C LEU D 22 -3.68 -2.09 -26.02
N GLU D 23 -3.94 -2.64 -24.83
CA GLU D 23 -4.68 -1.91 -23.80
C GLU D 23 -3.78 -0.92 -23.06
N GLN D 24 -2.48 -1.09 -23.18
CA GLN D 24 -1.54 -0.19 -22.53
C GLN D 24 -1.33 1.07 -23.36
N LEU D 25 -1.48 0.98 -24.68
CA LEU D 25 -1.31 2.18 -25.50
C LEU D 25 -2.58 3.01 -25.35
N ASN D 26 -2.72 3.57 -24.15
CA ASN D 26 -3.88 4.34 -23.69
C ASN D 26 -3.45 5.69 -23.12
N SER D 27 -2.51 6.36 -23.77
CA SER D 27 -1.97 7.59 -23.23
C SER D 27 -2.81 8.79 -23.63
N ASP D 28 -2.79 9.83 -22.79
CA ASP D 28 -3.47 11.06 -23.15
C ASP D 28 -2.83 11.71 -24.35
N VAL D 29 -1.51 11.59 -24.47
CA VAL D 29 -0.78 12.12 -25.61
C VAL D 29 -0.90 11.12 -26.76
N GLN D 30 -1.53 11.54 -27.86
CA GLN D 30 -1.88 10.59 -28.91
C GLN D 30 -0.66 10.05 -29.65
N LEU D 31 0.41 10.84 -29.76
CA LEU D 31 1.58 10.40 -30.51
C LEU D 31 2.18 9.13 -29.92
N ILE D 32 2.11 8.98 -28.60
CA ILE D 32 2.58 7.75 -27.99
C ILE D 32 1.77 6.56 -28.50
N ASN D 33 0.45 6.75 -28.61
CA ASN D 33 -0.43 5.66 -28.97
C ASN D 33 -0.27 5.27 -30.44
N GLN D 34 -0.25 6.27 -31.33
CA GLN D 34 -0.18 5.99 -32.77
C GLN D 34 1.18 5.44 -33.18
N LEU D 35 2.27 5.95 -32.59
CA LEU D 35 3.56 5.35 -32.90
C LEU D 35 3.68 3.98 -32.25
N GLY D 36 2.97 3.78 -31.13
CA GLY D 36 2.83 2.46 -30.55
C GLY D 36 2.03 1.53 -31.43
N TYR D 37 0.86 1.98 -31.88
CA TYR D 37 0.03 1.16 -32.75
C TYR D 37 0.78 0.79 -34.01
N TYR D 38 1.50 1.75 -34.57
CA TYR D 38 2.25 1.56 -35.80
C TYR D 38 3.30 0.46 -35.74
N ILE D 39 4.08 0.42 -34.67
CA ILE D 39 5.13 -0.58 -34.54
C ILE D 39 4.67 -1.94 -34.07
N VAL D 40 3.92 -1.97 -32.97
CA VAL D 40 3.44 -3.22 -32.41
C VAL D 40 2.56 -4.00 -33.40
N SER D 41 1.61 -3.31 -34.02
CA SER D 41 0.73 -3.95 -34.98
C SER D 41 1.25 -3.82 -36.40
N GLY D 42 2.47 -4.29 -36.63
CA GLY D 42 3.08 -4.21 -37.94
C GLY D 42 3.92 -5.44 -38.24
N GLY D 43 3.33 -6.61 -38.05
CA GLY D 43 4.01 -7.86 -38.29
C GLY D 43 4.60 -8.42 -37.01
N GLY D 44 5.53 -9.35 -37.14
CA GLY D 44 6.15 -9.95 -35.98
C GLY D 44 5.39 -11.13 -35.44
N LYS D 45 6.08 -12.24 -35.23
CA LYS D 45 5.46 -13.46 -34.71
C LYS D 45 5.57 -13.53 -33.19
N ARG D 46 6.19 -12.50 -32.61
CA ARG D 46 6.42 -12.36 -31.18
C ARG D 46 6.79 -13.65 -30.45
N ILE D 47 7.97 -14.17 -30.79
CA ILE D 47 8.48 -15.39 -30.16
C ILE D 47 8.61 -15.21 -28.66
N ARG D 48 9.10 -14.05 -28.23
CA ARG D 48 9.37 -13.82 -26.80
C ARG D 48 8.12 -13.97 -25.95
N PRO D 49 6.99 -13.32 -26.23
CA PRO D 49 5.78 -13.58 -25.44
C PRO D 49 5.26 -15.00 -25.56
N MET D 50 5.49 -15.66 -26.70
CA MET D 50 4.98 -17.02 -26.84
C MET D 50 5.77 -18.00 -25.99
N ILE D 51 7.08 -17.77 -25.87
CA ILE D 51 7.89 -18.55 -24.92
C ILE D 51 7.37 -18.33 -23.50
N ALA D 52 7.00 -17.09 -23.16
CA ALA D 52 6.56 -16.79 -21.80
C ALA D 52 5.30 -17.54 -21.44
N VAL D 53 4.23 -17.38 -22.23
CA VAL D 53 2.98 -18.08 -21.97
C VAL D 53 3.20 -19.59 -21.96
N LEU D 54 3.99 -20.09 -22.93
CA LEU D 54 4.23 -21.52 -23.04
C LEU D 54 5.02 -22.05 -21.86
N ALA D 55 5.98 -21.26 -21.36
CA ALA D 55 6.75 -21.68 -20.19
C ALA D 55 5.88 -21.80 -18.95
N ALA D 56 4.97 -20.85 -18.75
CA ALA D 56 4.16 -20.83 -17.53
C ALA D 56 3.19 -22.00 -17.47
N ARG D 57 2.56 -22.34 -18.60
CA ARG D 57 1.63 -23.45 -18.60
C ARG D 57 2.36 -24.79 -18.61
N ALA D 58 3.66 -24.80 -18.85
CA ALA D 58 4.45 -26.02 -18.77
C ALA D 58 4.71 -26.45 -17.33
N VAL D 59 4.51 -25.56 -16.36
CA VAL D 59 4.63 -25.92 -14.95
C VAL D 59 3.30 -25.78 -14.21
N GLY D 60 2.20 -25.66 -14.96
CA GLY D 60 0.89 -25.74 -14.38
C GLY D 60 0.29 -24.48 -13.78
N TYR D 61 0.62 -23.30 -14.31
CA TYR D 61 -0.06 -22.07 -13.92
C TYR D 61 -1.24 -21.84 -14.84
N GLU D 62 -2.34 -21.29 -14.28
CA GLU D 62 -3.51 -20.96 -15.10
C GLU D 62 -4.35 -19.83 -14.53
N GLY D 63 -3.70 -18.82 -13.95
CA GLY D 63 -4.29 -17.51 -13.81
C GLY D 63 -4.05 -16.74 -15.08
N ASN D 64 -3.81 -15.44 -14.96
CA ASN D 64 -3.52 -14.62 -16.13
C ASN D 64 -2.26 -13.79 -16.04
N ALA D 65 -1.49 -13.89 -14.95
CA ALA D 65 -0.28 -13.08 -14.86
C ALA D 65 0.76 -13.47 -15.89
N HIS D 66 0.75 -14.70 -16.39
CA HIS D 66 1.69 -15.10 -17.43
C HIS D 66 1.44 -14.39 -18.74
N VAL D 67 0.22 -13.92 -18.96
CA VAL D 67 -0.07 -13.10 -20.14
C VAL D 67 0.49 -11.70 -19.97
N THR D 68 0.42 -11.15 -18.75
CA THR D 68 0.91 -9.78 -18.53
C THR D 68 2.43 -9.70 -18.64
N ILE D 69 3.17 -10.64 -18.06
CA ILE D 69 4.62 -10.63 -18.22
C ILE D 69 5.00 -10.81 -19.69
N ALA D 70 4.26 -11.66 -20.39
CA ALA D 70 4.52 -11.83 -21.82
C ALA D 70 4.28 -10.51 -22.57
N ALA D 71 3.25 -9.76 -22.18
CA ALA D 71 3.00 -8.46 -22.81
C ALA D 71 4.12 -7.47 -22.51
N LEU D 72 4.48 -7.31 -21.23
CA LEU D 72 5.52 -6.34 -20.89
C LEU D 72 6.86 -6.72 -21.52
N ILE D 73 7.14 -8.03 -21.65
CA ILE D 73 8.34 -8.46 -22.35
C ILE D 73 8.29 -8.00 -23.81
N GLU D 74 7.13 -8.16 -24.47
CA GLU D 74 6.98 -7.69 -25.83
C GLU D 74 7.12 -6.17 -25.90
N PHE D 75 6.61 -5.46 -24.89
CA PHE D 75 6.81 -4.01 -24.83
C PHE D 75 8.29 -3.67 -24.75
N ILE D 76 9.02 -4.32 -23.84
CA ILE D 76 10.46 -4.11 -23.75
C ILE D 76 11.12 -4.34 -25.10
N HIS D 77 10.83 -5.49 -25.72
CA HIS D 77 11.37 -5.78 -27.05
C HIS D 77 10.90 -4.72 -28.05
N THR D 78 9.63 -4.31 -27.96
CA THR D 78 9.15 -3.24 -28.83
C THR D 78 9.91 -1.94 -28.60
N ALA D 79 10.18 -1.62 -27.33
CA ALA D 79 10.92 -0.40 -27.02
C ALA D 79 12.36 -0.51 -27.50
N THR D 80 12.94 -1.70 -27.44
CA THR D 80 14.31 -1.89 -27.90
C THR D 80 14.43 -1.71 -29.41
N LEU D 81 13.43 -2.18 -30.16
CA LEU D 81 13.47 -2.01 -31.61
C LEU D 81 13.38 -0.54 -32.00
N LEU D 82 12.59 0.24 -31.26
CA LEU D 82 12.49 1.66 -31.57
C LEU D 82 13.82 2.36 -31.32
N HIS D 83 14.52 1.99 -30.26
CA HIS D 83 15.83 2.56 -29.99
C HIS D 83 16.90 1.99 -30.92
N ASP D 84 16.75 0.73 -31.36
CA ASP D 84 17.72 0.16 -32.29
C ASP D 84 17.58 0.75 -33.69
N ASP D 85 16.38 1.18 -34.08
CA ASP D 85 16.23 1.73 -35.41
C ASP D 85 16.79 3.14 -35.54
N VAL D 86 17.08 3.83 -34.44
CA VAL D 86 17.72 5.14 -34.52
C VAL D 86 19.23 5.06 -34.33
N VAL D 87 19.74 4.05 -33.64
CA VAL D 87 21.18 3.87 -33.51
C VAL D 87 21.74 3.07 -34.69
N ASP D 88 21.03 2.05 -35.14
CA ASP D 88 21.39 1.39 -36.39
C ASP D 88 20.93 2.18 -37.60
N GLU D 89 20.15 3.25 -37.38
CA GLU D 89 19.88 4.27 -38.40
C GLU D 89 19.25 3.66 -39.65
N SER D 90 18.29 2.76 -39.44
CA SER D 90 17.60 2.09 -40.53
C SER D 90 16.31 2.79 -40.93
N ASP D 91 15.90 2.58 -42.17
CA ASP D 91 14.68 3.19 -42.68
C ASP D 91 13.62 2.15 -42.97
N MET D 92 14.03 0.89 -43.05
CA MET D 92 13.09 -0.18 -43.33
C MET D 92 13.16 -1.30 -42.30
N ARG D 93 12.00 -1.62 -41.72
CA ARG D 93 11.90 -2.71 -40.75
C ARG D 93 10.74 -3.61 -41.11
N ARG D 94 11.07 -4.79 -41.63
CA ARG D 94 10.08 -5.77 -42.03
C ARG D 94 9.00 -5.18 -42.94
N GLY D 95 9.42 -4.66 -44.09
CA GLY D 95 8.48 -4.09 -45.04
C GLY D 95 8.23 -2.60 -44.96
N LYS D 96 7.61 -2.15 -43.87
CA LYS D 96 7.28 -0.74 -43.70
C LYS D 96 8.46 0.14 -43.29
N ALA D 97 8.18 1.43 -43.15
CA ALA D 97 9.20 2.39 -42.74
C ALA D 97 9.45 2.26 -41.24
N THR D 98 10.61 2.70 -40.78
CA THR D 98 10.92 2.55 -39.37
C THR D 98 10.20 3.67 -38.62
N ALA D 99 10.01 3.51 -37.32
CA ALA D 99 9.27 4.54 -36.59
C ALA D 99 9.96 5.90 -36.72
N ASN D 100 11.29 5.93 -36.63
CA ASN D 100 12.00 7.20 -36.78
C ASN D 100 11.84 7.75 -38.18
N ALA D 101 11.83 6.88 -39.20
CA ALA D 101 11.56 7.34 -40.55
C ALA D 101 10.16 7.94 -40.66
N ALA D 102 9.19 7.36 -39.95
CA ALA D 102 7.81 7.80 -40.09
C ALA D 102 7.49 8.98 -39.17
N PHE D 103 8.00 8.95 -37.92
CA PHE D 103 7.60 9.93 -36.92
C PHE D 103 8.74 10.82 -36.42
N GLY D 104 9.99 10.45 -36.67
CA GLY D 104 11.13 11.25 -36.25
C GLY D 104 12.04 10.51 -35.29
N ASN D 105 13.27 10.99 -35.12
CA ASN D 105 14.23 10.30 -34.25
C ASN D 105 13.84 10.47 -32.79
N ALA D 106 13.50 11.69 -32.39
CA ALA D 106 13.13 11.94 -31.00
C ALA D 106 11.85 11.21 -30.62
N ALA D 107 10.87 11.20 -31.53
CA ALA D 107 9.59 10.56 -31.23
C ALA D 107 9.77 9.07 -30.96
N SER D 108 10.56 8.37 -31.77
CA SER D 108 10.78 6.95 -31.53
C SER D 108 11.59 6.73 -30.25
N VAL D 109 12.52 7.64 -29.95
CA VAL D 109 13.30 7.52 -28.73
C VAL D 109 12.42 7.74 -27.52
N LEU D 110 11.63 8.81 -27.53
CA LEU D 110 10.85 9.16 -26.35
C LEU D 110 9.66 8.22 -26.15
N VAL D 111 9.05 7.77 -27.25
CA VAL D 111 7.97 6.77 -27.12
C VAL D 111 8.55 5.44 -26.66
N GLY D 112 9.75 5.09 -27.14
CA GLY D 112 10.44 3.93 -26.59
C GLY D 112 10.61 4.02 -25.09
N ASP D 113 10.94 5.23 -24.59
CA ASP D 113 11.03 5.41 -23.14
C ASP D 113 9.70 5.12 -22.48
N PHE D 114 8.62 5.71 -23.00
CA PHE D 114 7.29 5.45 -22.45
C PHE D 114 6.99 3.97 -22.42
N ILE D 115 7.21 3.29 -23.55
CA ILE D 115 6.85 1.88 -23.66
C ILE D 115 7.65 1.05 -22.66
N TYR D 116 8.95 1.33 -22.52
CA TYR D 116 9.73 0.62 -21.52
C TYR D 116 9.25 0.95 -20.11
N THR D 117 9.21 2.26 -19.79
CA THR D 117 8.75 2.68 -18.46
C THR D 117 7.40 2.09 -18.14
N ARG D 118 6.56 1.90 -19.15
CA ARG D 118 5.24 1.31 -18.91
C ARG D 118 5.33 -0.18 -18.66
N ALA D 119 6.24 -0.87 -19.38
CA ALA D 119 6.53 -2.27 -19.08
C ALA D 119 7.02 -2.45 -17.66
N PHE D 120 7.75 -1.47 -17.14
CA PHE D 120 8.25 -1.57 -15.76
C PHE D 120 7.12 -1.47 -14.74
N GLN D 121 6.14 -0.59 -14.98
CA GLN D 121 4.99 -0.53 -14.08
C GLN D 121 4.21 -1.84 -14.10
N MET D 122 4.06 -2.44 -15.29
CA MET D 122 3.40 -3.74 -15.37
C MET D 122 4.20 -4.81 -14.63
N MET D 123 5.53 -4.74 -14.71
CA MET D 123 6.36 -5.65 -13.93
C MET D 123 6.17 -5.43 -12.44
N THR D 124 6.07 -4.15 -12.03
CA THR D 124 5.88 -3.85 -10.61
C THR D 124 4.56 -4.42 -10.10
N SER D 125 3.51 -4.33 -10.92
CA SER D 125 2.17 -4.75 -10.50
C SER D 125 2.10 -6.24 -10.20
N LEU D 126 3.01 -7.05 -10.77
CA LEU D 126 3.02 -8.48 -10.45
C LEU D 126 3.57 -8.74 -9.05
N GLY D 127 4.18 -7.76 -8.42
CA GLY D 127 4.52 -7.82 -7.01
C GLY D 127 5.60 -8.81 -6.61
N SER D 128 6.33 -9.38 -7.57
CA SER D 128 7.40 -10.31 -7.27
C SER D 128 8.72 -9.57 -7.43
N LEU D 129 9.42 -9.37 -6.31
CA LEU D 129 10.73 -8.72 -6.37
C LEU D 129 11.74 -9.58 -7.11
N LYS D 130 11.56 -10.90 -7.11
CA LYS D 130 12.53 -11.77 -7.76
C LYS D 130 12.48 -11.62 -9.28
N VAL D 131 11.28 -11.52 -9.85
CA VAL D 131 11.17 -11.29 -11.29
C VAL D 131 11.70 -9.91 -11.66
N LEU D 132 11.45 -8.91 -10.81
CA LEU D 132 11.96 -7.56 -11.06
C LEU D 132 13.48 -7.54 -11.08
N GLU D 133 14.14 -8.27 -10.17
CA GLU D 133 15.60 -8.25 -10.13
C GLU D 133 16.21 -8.94 -11.34
N VAL D 134 15.66 -10.09 -11.74
CA VAL D 134 16.20 -10.85 -12.85
C VAL D 134 15.94 -10.14 -14.18
N MET D 135 14.78 -9.48 -14.33
CA MET D 135 14.50 -8.81 -15.59
C MET D 135 15.19 -7.45 -15.71
N SER D 136 15.22 -6.67 -14.62
CA SER D 136 15.91 -5.40 -14.64
C SER D 136 17.38 -5.56 -14.97
N GLU D 137 18.00 -6.65 -14.49
CA GLU D 137 19.41 -6.86 -14.77
C GLU D 137 19.60 -7.44 -16.18
N ALA D 138 18.61 -8.14 -16.71
CA ALA D 138 18.71 -8.65 -18.06
C ALA D 138 18.82 -7.52 -19.08
N VAL D 139 17.93 -6.52 -18.99
CA VAL D 139 17.90 -5.46 -19.99
C VAL D 139 18.99 -4.43 -19.72
N ASN D 140 19.45 -4.29 -18.47
CA ASN D 140 20.59 -3.43 -18.21
C ASN D 140 21.88 -4.04 -18.75
N VAL D 141 22.00 -5.36 -18.68
CA VAL D 141 23.16 -6.04 -19.25
C VAL D 141 23.18 -5.86 -20.77
N ILE D 142 22.00 -5.92 -21.41
CA ILE D 142 21.95 -5.77 -22.85
C ILE D 142 22.23 -4.33 -23.24
N ALA D 143 21.61 -3.38 -22.54
CA ALA D 143 21.88 -1.96 -22.78
C ALA D 143 23.36 -1.63 -22.61
N GLU D 144 24.05 -2.29 -21.70
CA GLU D 144 25.45 -1.99 -21.49
C GLU D 144 26.33 -2.56 -22.60
N GLY D 145 25.98 -3.75 -23.11
CA GLY D 145 26.73 -4.32 -24.21
C GLY D 145 26.57 -3.54 -25.50
N GLU D 146 25.40 -2.92 -25.69
CA GLU D 146 25.20 -2.05 -26.83
C GLU D 146 26.05 -0.78 -26.72
N VAL D 147 26.22 -0.28 -25.49
CA VAL D 147 27.16 0.82 -25.29
C VAL D 147 28.58 0.33 -25.54
N LEU D 148 28.86 -0.92 -25.18
CA LEU D 148 30.18 -1.51 -25.43
C LEU D 148 30.45 -1.65 -26.92
N GLN D 149 29.44 -2.09 -27.67
CA GLN D 149 29.59 -2.25 -29.11
C GLN D 149 29.80 -0.92 -29.83
N LEU D 150 29.28 0.17 -29.26
CA LEU D 150 29.45 1.48 -29.89
C LEU D 150 30.91 1.92 -29.92
N MET D 151 31.64 1.76 -28.81
CA MET D 151 32.97 2.36 -28.65
C MET D 151 34.15 1.44 -28.91
N ASN D 152 33.98 0.12 -28.85
CA ASN D 152 35.10 -0.80 -29.01
C ASN D 152 35.01 -1.53 -30.35
N VAL D 153 36.15 -1.65 -31.00
CA VAL D 153 36.28 -2.25 -32.31
C VAL D 153 36.39 -3.77 -32.21
N ASP D 157 38.63 -13.29 -35.42
CA ASP D 157 39.30 -12.09 -34.94
C ASP D 157 39.74 -12.28 -33.49
N ILE D 158 38.81 -12.71 -32.64
CA ILE D 158 39.11 -12.94 -31.23
C ILE D 158 38.41 -14.18 -30.72
N THR D 159 39.06 -15.33 -30.88
CA THR D 159 38.55 -16.64 -30.44
C THR D 159 37.19 -17.06 -30.99
N GLU D 160 36.55 -17.98 -30.28
CA GLU D 160 35.24 -18.49 -30.68
C GLU D 160 34.41 -18.80 -29.45
N GLU D 161 35.09 -19.00 -28.33
CA GLU D 161 34.42 -19.28 -27.08
C GLU D 161 33.84 -17.98 -26.56
N ASN D 162 34.56 -16.89 -26.82
CA ASN D 162 34.13 -15.58 -26.38
C ASN D 162 32.93 -15.07 -27.17
N TYR D 163 32.87 -15.40 -28.46
CA TYR D 163 31.74 -14.97 -29.27
C TYR D 163 30.48 -15.73 -28.90
N MET D 164 30.66 -16.98 -28.48
CA MET D 164 29.53 -17.80 -28.09
C MET D 164 29.07 -17.35 -26.71
N ARG D 165 30.02 -16.89 -25.90
CA ARG D 165 29.72 -16.43 -24.56
C ARG D 165 28.99 -15.09 -24.59
N VAL D 166 29.59 -14.09 -25.22
CA VAL D 166 28.96 -12.77 -25.28
C VAL D 166 27.46 -12.92 -25.47
N ILE D 167 27.06 -13.92 -26.25
CA ILE D 167 25.63 -14.15 -26.47
C ILE D 167 25.00 -14.82 -25.26
N TYR D 168 25.72 -15.69 -24.57
CA TYR D 168 25.15 -16.36 -23.40
C TYR D 168 24.85 -15.38 -22.29
N SER D 169 25.76 -14.44 -22.03
CA SER D 169 25.62 -13.54 -20.90
C SER D 169 24.97 -12.21 -21.25
N LYS D 170 24.80 -11.89 -22.53
CA LYS D 170 24.21 -10.59 -22.84
C LYS D 170 23.05 -10.58 -23.83
N THR D 171 23.30 -10.89 -25.10
CA THR D 171 22.26 -10.72 -26.11
C THR D 171 21.10 -11.68 -25.88
N ALA D 172 21.39 -12.90 -25.48
CA ALA D 172 20.38 -13.93 -25.27
C ALA D 172 19.74 -13.85 -23.89
N ARG D 173 20.14 -12.88 -23.06
CA ARG D 173 19.66 -12.82 -21.69
C ARG D 173 18.19 -12.44 -21.59
N LEU D 174 17.63 -11.76 -22.60
CA LEU D 174 16.20 -11.46 -22.57
C LEU D 174 15.36 -12.70 -22.83
N PHE D 175 15.83 -13.57 -23.73
CA PHE D 175 15.20 -14.88 -23.89
C PHE D 175 15.27 -15.67 -22.59
N GLU D 176 16.47 -15.72 -21.99
CA GLU D 176 16.65 -16.44 -20.73
C GLU D 176 15.67 -15.93 -19.67
N ALA D 177 15.64 -14.61 -19.44
CA ALA D 177 14.74 -14.05 -18.46
C ALA D 177 13.28 -14.28 -18.83
N ALA D 178 12.95 -14.28 -20.13
CA ALA D 178 11.56 -14.48 -20.55
C ALA D 178 11.02 -15.82 -20.07
N ALA D 179 11.76 -16.90 -20.33
CA ALA D 179 11.30 -18.23 -19.93
C ALA D 179 11.40 -18.42 -18.42
N GLN D 180 12.56 -18.07 -17.84
CA GLN D 180 12.79 -18.32 -16.42
C GLN D 180 11.85 -17.49 -15.54
N CYS D 181 11.53 -16.25 -15.94
CA CYS D 181 10.63 -15.44 -15.12
C CYS D 181 9.23 -16.01 -15.13
N SER D 182 8.78 -16.51 -16.28
CA SER D 182 7.48 -17.17 -16.36
C SER D 182 7.40 -18.30 -15.34
N GLY D 183 8.51 -19.02 -15.13
CA GLY D 183 8.55 -20.03 -14.10
C GLY D 183 8.42 -19.44 -12.70
N ILE D 184 9.01 -18.27 -12.47
CA ILE D 184 8.96 -17.69 -11.13
C ILE D 184 7.53 -17.31 -10.75
N LEU D 185 6.73 -16.84 -11.71
CA LEU D 185 5.36 -16.49 -11.36
C LEU D 185 4.44 -17.70 -11.33
N ALA D 186 4.94 -18.88 -11.69
CA ALA D 186 4.19 -20.12 -11.57
C ALA D 186 4.66 -20.98 -10.40
N GLY D 187 5.57 -20.47 -9.57
CA GLY D 187 6.09 -21.21 -8.43
C GLY D 187 6.62 -22.58 -8.79
N CYS D 188 7.77 -22.64 -9.47
CA CYS D 188 8.31 -23.89 -9.98
C CYS D 188 9.56 -24.30 -9.23
N THR D 189 9.91 -25.58 -9.36
CA THR D 189 11.10 -26.14 -8.73
C THR D 189 12.37 -25.41 -9.17
N PRO D 190 13.38 -25.33 -8.31
CA PRO D 190 14.66 -24.70 -8.69
C PRO D 190 15.37 -25.29 -9.90
N GLU D 191 15.07 -26.54 -10.25
CA GLU D 191 15.59 -27.21 -11.45
C GLU D 191 14.61 -27.20 -12.62
N GLU D 192 13.37 -26.70 -12.41
CA GLU D 192 12.61 -26.22 -13.56
C GLU D 192 13.00 -24.79 -13.93
N GLU D 193 13.32 -23.94 -12.95
CA GLU D 193 13.78 -22.59 -13.29
C GLU D 193 15.07 -22.62 -14.10
N LYS D 194 16.02 -23.46 -13.70
CA LYS D 194 17.25 -23.59 -14.48
C LYS D 194 16.96 -24.18 -15.85
N GLY D 195 15.89 -24.98 -15.95
CA GLY D 195 15.51 -25.50 -17.25
C GLY D 195 15.02 -24.40 -18.18
N LEU D 196 14.11 -23.55 -17.70
CA LEU D 196 13.65 -22.43 -18.50
C LEU D 196 14.76 -21.38 -18.66
N GLN D 197 15.59 -21.22 -17.63
CA GLN D 197 16.74 -20.32 -17.74
C GLN D 197 17.68 -20.79 -18.83
N ASP D 198 18.02 -22.07 -18.84
CA ASP D 198 18.87 -22.61 -19.89
C ASP D 198 18.13 -22.63 -21.24
N TYR D 199 16.83 -22.92 -21.22
CA TYR D 199 16.09 -23.00 -22.47
C TYR D 199 16.12 -21.66 -23.21
N GLY D 200 15.86 -20.56 -22.49
CA GLY D 200 15.94 -19.25 -23.11
C GLY D 200 17.34 -18.90 -23.56
N ARG D 201 18.33 -19.13 -22.68
CA ARG D 201 19.72 -18.85 -23.01
C ARG D 201 20.15 -19.54 -24.30
N TYR D 202 19.77 -20.81 -24.46
CA TYR D 202 20.22 -21.57 -25.62
C TYR D 202 19.35 -21.30 -26.86
N LEU D 203 18.03 -21.29 -26.69
CA LEU D 203 17.15 -21.04 -27.82
C LEU D 203 17.34 -19.62 -28.34
N GLY D 204 17.51 -18.66 -27.44
CA GLY D 204 17.83 -17.31 -27.87
C GLY D 204 19.16 -17.23 -28.61
N THR D 205 20.13 -18.03 -28.16
CA THR D 205 21.45 -18.02 -28.80
C THR D 205 21.39 -18.63 -30.20
N ALA D 206 20.66 -19.74 -30.35
CA ALA D 206 20.42 -20.29 -31.68
C ALA D 206 19.65 -19.29 -32.54
N PHE D 207 18.68 -18.60 -31.94
CA PHE D 207 17.86 -17.64 -32.67
C PHE D 207 18.73 -16.51 -33.22
N GLN D 208 19.80 -16.14 -32.48
CA GLN D 208 20.70 -15.07 -32.89
C GLN D 208 21.63 -15.51 -34.03
N LEU D 209 21.96 -16.80 -34.10
CA LEU D 209 22.76 -17.29 -35.23
C LEU D 209 21.95 -17.36 -36.51
N ILE D 210 20.65 -17.62 -36.42
CA ILE D 210 19.80 -17.59 -37.61
C ILE D 210 19.70 -16.17 -38.15
N ASP D 211 19.66 -15.18 -37.26
CA ASP D 211 19.59 -13.79 -37.71
C ASP D 211 20.89 -13.32 -38.33
N ASP D 212 22.03 -13.93 -37.94
CA ASP D 212 23.29 -13.55 -38.55
C ASP D 212 23.55 -14.21 -39.90
N LEU D 213 22.81 -15.26 -40.26
CA LEU D 213 22.98 -15.86 -41.58
C LEU D 213 21.88 -15.41 -42.55
N LEU D 214 20.64 -15.31 -42.07
CA LEU D 214 19.51 -14.86 -42.86
C LEU D 214 19.48 -13.35 -43.01
N ASP D 215 20.63 -12.71 -42.80
CA ASP D 215 20.85 -11.34 -43.21
C ASP D 215 21.17 -11.23 -44.71
N TYR D 216 21.33 -12.37 -45.40
CA TYR D 216 21.74 -12.39 -46.80
C TYR D 216 20.67 -12.98 -47.70
N ASN D 217 19.41 -13.02 -47.25
CA ASN D 217 18.36 -13.69 -47.99
C ASN D 217 17.18 -12.77 -48.29
N ALA D 218 16.17 -12.79 -47.41
CA ALA D 218 14.92 -12.07 -47.66
C ALA D 218 15.11 -10.55 -47.63
N VAL D 227 17.21 -7.32 -46.23
CA VAL D 227 18.33 -7.09 -47.14
C VAL D 227 19.65 -7.09 -46.39
N GLY D 228 20.62 -7.86 -46.87
CA GLY D 228 21.93 -7.95 -46.24
C GLY D 228 22.54 -6.58 -46.04
N ASP D 229 23.01 -6.33 -44.83
CA ASP D 229 23.63 -5.05 -44.50
C ASP D 229 24.51 -5.16 -43.27
N ASP D 230 24.82 -6.38 -42.88
CA ASP D 230 25.68 -6.61 -41.72
C ASP D 230 27.10 -6.24 -42.08
N LEU D 231 27.47 -6.48 -43.33
CA LEU D 231 28.82 -6.18 -43.82
C LEU D 231 29.06 -4.68 -43.92
N ASN D 232 28.01 -3.91 -44.15
CA ASN D 232 28.11 -2.47 -44.27
C ASN D 232 28.83 -1.84 -43.08
N GLU D 233 28.44 -2.23 -41.87
CA GLU D 233 29.07 -1.72 -40.67
C GLU D 233 30.26 -2.58 -40.24
N GLY D 234 30.46 -3.69 -40.95
CA GLY D 234 31.55 -4.58 -40.66
C GLY D 234 31.54 -5.08 -39.22
N LYS D 235 30.49 -5.81 -38.86
CA LYS D 235 30.37 -6.35 -37.52
C LYS D 235 30.68 -7.84 -37.53
N PRO D 236 31.59 -8.28 -36.66
CA PRO D 236 32.01 -9.68 -36.55
C PRO D 236 30.90 -10.60 -36.06
N THR D 237 29.97 -10.96 -36.95
CA THR D 237 28.88 -11.84 -36.59
C THR D 237 29.40 -13.27 -36.51
N LEU D 238 29.42 -13.95 -37.66
CA LEU D 238 29.89 -15.32 -37.73
C LEU D 238 30.24 -15.67 -39.17
N PRO D 239 31.34 -15.07 -39.67
CA PRO D 239 31.84 -15.28 -41.02
C PRO D 239 33.03 -16.24 -41.00
N LEU D 240 33.69 -16.40 -42.14
CA LEU D 240 34.84 -17.28 -42.24
C LEU D 240 35.88 -16.72 -43.21
N GLN D 251 43.56 -17.29 -48.85
CA GLN D 251 42.35 -16.60 -49.29
C GLN D 251 42.47 -15.10 -49.07
N ALA D 252 43.51 -14.52 -49.66
CA ALA D 252 43.78 -13.08 -49.54
C ALA D 252 43.72 -12.56 -48.11
N GLN D 253 43.08 -11.42 -47.92
CA GLN D 253 42.96 -10.80 -46.59
C GLN D 253 41.75 -9.87 -46.54
N MET D 254 40.74 -10.20 -47.32
CA MET D 254 39.52 -9.40 -47.42
C MET D 254 38.82 -9.12 -46.09
N ILE D 255 38.19 -10.15 -45.54
CA ILE D 255 37.45 -10.05 -44.28
C ILE D 255 38.09 -9.18 -43.20
N ARG D 256 39.38 -9.38 -42.94
CA ARG D 256 40.08 -8.60 -41.92
C ARG D 256 39.93 -7.10 -42.08
N THR D 257 40.08 -6.61 -43.32
CA THR D 257 39.94 -5.19 -43.61
C THR D 257 38.57 -4.63 -43.24
N ALA D 258 37.52 -5.42 -43.49
CA ALA D 258 36.16 -5.01 -43.18
C ALA D 258 35.98 -4.72 -41.69
N ILE D 259 36.58 -5.56 -40.85
CA ILE D 259 36.51 -5.38 -39.41
C ILE D 259 37.64 -4.47 -38.95
N GLU D 260 37.68 -4.22 -37.64
CA GLU D 260 38.71 -3.36 -37.00
C GLU D 260 38.78 -1.94 -37.58
N GLN D 261 37.62 -1.40 -37.94
CA GLN D 261 37.48 -0.06 -38.51
C GLN D 261 35.99 0.26 -38.53
N GLY D 262 35.21 -0.68 -39.04
CA GLY D 262 33.76 -0.54 -39.11
C GLY D 262 33.21 -0.17 -40.48
N ASN D 263 33.69 -0.86 -41.51
CA ASN D 263 33.21 -0.60 -42.86
C ASN D 263 33.38 -1.79 -43.79
N GLY D 264 32.30 -2.12 -44.48
CA GLY D 264 32.30 -3.23 -45.43
C GLY D 264 31.39 -2.87 -46.59
N ARG D 265 31.27 -1.57 -46.85
CA ARG D 265 30.43 -1.08 -47.93
C ARG D 265 30.79 -1.63 -49.29
N HIS D 266 29.78 -1.81 -50.13
CA HIS D 266 29.93 -2.35 -51.48
C HIS D 266 30.85 -3.56 -51.56
N LEU D 267 30.60 -4.55 -50.70
CA LEU D 267 31.44 -5.75 -50.70
C LEU D 267 30.61 -7.02 -50.81
N LEU D 268 29.51 -6.94 -51.55
CA LEU D 268 28.63 -8.08 -51.75
C LEU D 268 29.29 -9.14 -52.63
N GLU D 269 30.09 -9.99 -52.00
CA GLU D 269 30.78 -11.07 -52.71
C GLU D 269 31.04 -12.22 -51.75
N PRO D 270 29.98 -12.70 -51.09
CA PRO D 270 30.04 -13.81 -50.13
C PRO D 270 30.85 -14.98 -50.66
N VAL D 271 32.07 -15.15 -50.14
CA VAL D 271 32.92 -16.25 -50.57
C VAL D 271 32.63 -17.49 -49.72
N LEU D 272 31.47 -18.09 -49.95
CA LEU D 272 31.06 -19.28 -49.22
C LEU D 272 32.12 -20.36 -49.27
N GLU D 273 32.94 -20.44 -48.22
CA GLU D 273 33.98 -21.43 -48.13
C GLU D 273 34.45 -21.63 -46.69
N TRP D 283 27.48 -23.32 -42.53
CA TRP D 283 28.24 -23.91 -41.44
C TRP D 283 27.74 -23.39 -40.10
N THR D 284 27.02 -22.28 -40.14
CA THR D 284 26.47 -21.69 -38.93
C THR D 284 25.13 -22.32 -38.59
N ARG D 285 24.36 -22.66 -39.63
CA ARG D 285 23.06 -23.26 -39.43
C ARG D 285 23.16 -24.52 -38.60
N GLN D 286 24.19 -25.33 -38.87
CA GLN D 286 24.38 -26.57 -38.13
C GLN D 286 24.96 -26.29 -36.75
N ARG D 287 25.65 -25.16 -36.60
CA ARG D 287 26.20 -24.79 -35.32
C ARG D 287 25.10 -24.15 -34.47
N ALA D 288 24.11 -23.59 -35.15
CA ALA D 288 22.97 -22.96 -34.49
C ALA D 288 22.00 -24.04 -34.06
N GLU D 289 22.03 -25.18 -34.75
CA GLU D 289 21.16 -26.30 -34.43
C GLU D 289 21.71 -27.05 -33.23
N GLU D 290 23.01 -26.93 -33.00
CA GLU D 290 23.66 -27.57 -31.87
C GLU D 290 23.25 -26.87 -30.59
N GLU D 291 23.04 -25.56 -30.67
CA GLU D 291 22.61 -24.77 -29.52
C GLU D 291 21.16 -25.07 -29.22
N ALA D 292 20.39 -25.37 -30.26
CA ALA D 292 18.98 -25.70 -30.11
C ALA D 292 18.83 -27.07 -29.46
N ASP D 293 19.78 -27.96 -29.73
CA ASP D 293 19.76 -29.29 -29.15
C ASP D 293 19.91 -29.16 -27.64
N LYS D 294 20.82 -28.28 -27.21
CA LYS D 294 21.04 -28.05 -25.79
C LYS D 294 19.78 -27.45 -25.18
N ALA D 295 19.16 -26.52 -25.90
CA ALA D 295 17.94 -25.88 -25.46
C ALA D 295 16.88 -26.89 -25.06
N ILE D 296 16.64 -27.87 -25.92
CA ILE D 296 15.65 -28.91 -25.65
C ILE D 296 16.17 -29.98 -24.68
N ALA D 297 17.49 -30.01 -24.50
CA ALA D 297 18.10 -30.98 -23.61
C ALA D 297 17.90 -30.57 -22.16
N ALA D 298 17.58 -29.30 -21.96
CA ALA D 298 17.35 -28.78 -20.61
C ALA D 298 15.88 -28.84 -20.23
N LEU D 299 15.07 -29.34 -21.15
CA LEU D 299 13.63 -29.48 -20.92
C LEU D 299 13.27 -30.89 -20.49
N GLN D 300 14.27 -31.66 -20.10
CA GLN D 300 14.09 -33.04 -19.66
C GLN D 300 13.65 -33.10 -18.21
N VAL D 301 13.83 -32.00 -17.49
CA VAL D 301 13.46 -31.92 -16.08
C VAL D 301 12.05 -31.33 -15.90
N LEU D 302 11.33 -31.17 -17.00
CA LEU D 302 9.99 -30.61 -16.95
C LEU D 302 8.93 -31.68 -16.71
N PRO D 303 7.66 -31.29 -16.80
CA PRO D 303 6.52 -32.18 -16.57
C PRO D 303 6.11 -33.01 -17.79
N ASP D 304 6.85 -32.89 -18.89
CA ASP D 304 6.56 -33.64 -20.12
C ASP D 304 5.09 -33.51 -20.51
N THR D 305 4.67 -32.28 -20.82
CA THR D 305 3.30 -32.03 -21.20
C THR D 305 3.23 -31.58 -22.66
N PRO D 306 2.02 -31.27 -23.13
CA PRO D 306 1.82 -30.80 -24.51
C PRO D 306 2.53 -29.47 -24.71
N TRP D 307 2.47 -28.60 -23.71
CA TRP D 307 3.12 -27.31 -23.78
C TRP D 307 4.62 -27.52 -23.95
N ARG D 308 5.19 -28.42 -23.16
CA ARG D 308 6.60 -28.73 -23.25
C ARG D 308 6.98 -29.13 -24.67
N GLU D 309 6.21 -29.96 -25.28
CA GLU D 309 6.43 -30.41 -26.66
C GLU D 309 6.45 -29.23 -27.62
N ALA D 310 5.46 -28.41 -27.44
CA ALA D 310 5.36 -27.23 -28.29
C ALA D 310 6.66 -26.42 -28.25
N LEU D 311 7.12 -26.18 -27.02
CA LEU D 311 8.35 -25.42 -26.84
C LEU D 311 9.49 -26.05 -27.62
N ILE D 312 9.72 -27.35 -27.42
CA ILE D 312 10.79 -28.08 -28.11
C ILE D 312 10.67 -27.92 -29.62
N GLY D 313 9.45 -28.00 -30.12
CA GLY D 313 9.20 -27.84 -31.54
C GLY D 313 9.55 -26.42 -31.96
N LEU D 314 9.18 -25.46 -31.12
CA LEU D 314 9.47 -24.05 -31.38
C LEU D 314 10.96 -23.90 -31.58
N ALA D 315 11.71 -24.60 -30.74
CA ALA D 315 13.17 -24.59 -30.83
C ALA D 315 13.66 -25.20 -32.14
N HIS D 316 12.99 -26.26 -32.61
CA HIS D 316 13.33 -26.83 -33.91
C HIS D 316 12.98 -25.87 -35.03
N ILE D 317 11.83 -25.19 -34.93
CA ILE D 317 11.44 -24.22 -35.95
C ILE D 317 12.43 -23.07 -35.98
N ALA D 318 13.05 -22.74 -34.84
CA ALA D 318 13.98 -21.62 -34.79
C ALA D 318 15.16 -21.83 -35.73
N VAL D 319 15.59 -23.08 -35.91
CA VAL D 319 16.70 -23.36 -36.82
C VAL D 319 16.19 -23.78 -38.20
N GLN D 320 14.87 -23.72 -38.42
CA GLN D 320 14.24 -23.93 -39.73
C GLN D 320 14.24 -25.41 -40.09
CAY B29 E . -13.47 -11.24 23.04
CAP B29 E . -14.44 -10.26 22.76
CAI B29 E . -14.26 -9.40 21.68
CAH B29 E . -13.13 -9.53 20.87
CAO B29 E . -12.18 -10.50 21.16
CAX B29 E . -12.36 -11.36 22.25
OAT B29 E . -11.59 -12.41 22.76
CBA B29 E . -12.24 -12.93 23.88
CAZ B29 E . -13.40 -12.21 24.05
CAQ B29 E . -14.26 -12.52 25.10
CAK B29 E . -13.95 -13.54 25.98
CAN B29 E . -12.79 -14.27 25.81
CAW B29 E . -11.93 -13.98 24.76
CAV B29 E . -10.77 -14.75 24.68
CAR B29 E . -10.15 -15.11 25.87
CAM B29 E . -10.22 -15.15 23.48
CAJ B29 E . -9.06 -15.91 23.48
CAL B29 E . -8.45 -16.27 24.68
CAU B29 E . -9.00 -15.87 25.89
CAS B29 E . -8.37 -16.24 27.24
CBB B29 E . -8.03 -17.72 27.44
PBC B29 E . -7.46 -17.96 29.20
OAD B29 E . -8.63 -17.78 30.14
OAE B29 E . -6.39 -16.95 29.54
OAA B29 E . -6.91 -19.36 29.36
PBD B29 E . -9.50 -18.84 27.17
OAF B29 E . -10.61 -18.45 28.09
OAG B29 E . -9.97 -18.76 25.73
OAB B29 E . -9.07 -20.26 27.47
OAC B29 E . -6.98 -18.08 26.59
MG MG F . -12.76 -18.00 27.94
MG MG G . 18.08 -5.94 -36.00
#